data_8DZQ
#
_entry.id   8DZQ
#
_cell.length_a   1.00
_cell.length_b   1.00
_cell.length_c   1.00
_cell.angle_alpha   90.00
_cell.angle_beta   90.00
_cell.angle_gamma   90.00
#
_symmetry.space_group_name_H-M   'P 1'
#
loop_
_entity.id
_entity.type
_entity.pdbx_description
1 polymer 'Guanine nucleotide-binding protein G(I)/G(S)/G(T) subunit beta-1'
2 polymer 'Guanine nucleotide-binding protein G(I)/G(S)/G(O) subunit gamma-2'
3 polymer 'ScFv16 protein'
4 polymer 'Guanine nucleotide-binding protein G(o) subunit alpha'
5 polymer 'Kappa-type opioid receptor'
6 non-polymer 'methyl (2S,4aR,6aR,7R,9S,10aS,10bR)-2-(furan-3-yl)-9-(methoxymethoxy)-6a,10b-dimethyl-4,10-dioxododecahydro-2H-naphtho[2,1-c]pyran-7-carboxylate'
#
loop_
_entity_poly.entity_id
_entity_poly.type
_entity_poly.pdbx_seq_one_letter_code
_entity_poly.pdbx_strand_id
1 'polypeptide(L)'
;SELDQLRQEAEQLKNQIRDARKACADATLSQITNNIDPVGRIQMRTRRTLRGHLAKIYAMHWGTDSRLLVSASQDGKLII
WDSYTTNKVHAIPLRSSWVMTCAYAPSGNYVACGGLDNICSIYNLKTREGNVRVSRELAGHTGYLSCCRFLDDNQIVTSS
GDTTCALWDIETGQQTTTFTGHTGDVMSLSLAPDTRLFVSGACDASAKLWDVREGMCRQTFTGHESDINAICFFPNGNAF
ATGSDDATCRLFDLRADQELMTYSHDNIICGITSVSFSKSGRLLLAGYDDFNCNVWDALKADRAGVLAGHDNRVSCLGVT
DDGMAVATGSWDSFLKIWN
;
C
2 'polypeptide(L)' MASNNTASIAQARKLVEQLKMEANIDRIKVSKAAADLMAYCEAHAKEDPLLTPVPASENPFREKKFFCAIL D
3 'polypeptide(L)'
;DVQLVESGGGLVQPGGSRKLSCSASGFAFSSFGMHWVRQAPEKGLEWVAYISSGSGTIYYADTVKGRFTISRDDPKNTLF
LQMTSLRSEDTAMYYCVRSIYYYGSSPFDFWGQGTTLTVSSGGGGSGGGGSGGGGSDIVMTQATSSVPVTPGESVSISCR
SSKSLLHSNGNTYLYWFLQRPGQSPQLLIYRMSNLASGVPDRFSGSGSGTAFTLTISRLEAEDVGVYYCMQHLEYPLTFG
AGTKLELKAAA
;
E
4 'polypeptide(L)'
;MGSTLSAEERAALERSKAIEKNLKEDGISAAKDVKLLLLGAGESGKNTIVKQMKIIHEDGFSGEDVKQYKPVVYSNTIQS
LAAIVRAMDTLGIEYGDKERKADAKMVCDVVSRMEDTEPFSAELLSAMMRLWGDSGIQECFNRSREYQLNDSAKYYLDSL
DRIGAADYQPTEQDILRTRVKTTGIVETHFTFKNLHFRLFDVGAQRSERKKWIHCFEDVTAIIFCVALSGYDQVLHEDET
TNRMHASLKLFDSICNNKFFIDTSIILFLNKKDLFGEKIKKSPLTICFPEYTGPNTYEDAAAYIQAQFESKNRSPNKEIY
CHMTCSTDTNNIQVVFDAVTDIIIANNLRGCGLY
;
B
5 'polypeptide(L)'
;LGSISPAIPVIITAVYSVVFVVGLVGNSLVMFVIIRYTKMKTATNIYIFNLALADALVTTTMPFQSTVYLMNSWPFGDVL
CKIVLSIDYYNMFTSIFTLTMMSVDRYIAVCHPVKALDFRTPLKAKIINICIWLLSSSVGISAIVLGGTKVREDVDVIEC
SLQFPDDDYSWWDLFMKICVFIFAFVIPVLIIIVCYTLMILRLKSVRLLSGSREKDRNLRRITRLVLVVVAVFVVCWTPI
HIFILVEALGSTSHSTAALSSYYFCIALGYTNSSLNPILYAFLDENFKRCFRDFCFPLKMRMERQSTS
;
A
#
# COMPACT_ATOMS: atom_id res chain seq x y z
N GLU A 2 14.20 22.42 -51.22
CA GLU A 2 13.13 22.22 -50.26
C GLU A 2 13.13 20.79 -49.75
N LEU A 3 13.04 19.83 -50.67
CA LEU A 3 13.07 18.42 -50.29
C LEU A 3 14.42 18.04 -49.69
N ASP A 4 15.51 18.56 -50.25
CA ASP A 4 16.84 18.33 -49.73
C ASP A 4 17.55 19.58 -49.26
N GLN A 5 17.21 20.76 -49.82
CA GLN A 5 17.85 22.00 -49.39
C GLN A 5 17.53 22.33 -47.94
N LEU A 6 16.27 22.14 -47.53
CA LEU A 6 15.89 22.38 -46.14
C LEU A 6 16.59 21.42 -45.20
N ARG A 7 16.70 20.14 -45.59
CA ARG A 7 17.39 19.16 -44.76
C ARG A 7 18.88 19.50 -44.63
N GLN A 8 19.50 19.91 -45.73
CA GLN A 8 20.90 20.30 -45.69
C GLN A 8 21.11 21.54 -44.82
N GLU A 9 20.19 22.51 -44.91
CA GLU A 9 20.28 23.70 -44.07
C GLU A 9 20.12 23.35 -42.60
N ALA A 10 19.19 22.43 -42.28
CA ALA A 10 19.01 22.01 -40.89
C ALA A 10 20.25 21.27 -40.37
N GLU A 11 20.84 20.41 -41.20
CA GLU A 11 22.05 19.70 -40.79
C GLU A 11 23.22 20.67 -40.58
N GLN A 12 23.35 21.66 -41.45
CA GLN A 12 24.39 22.67 -41.30
C GLN A 12 24.17 23.50 -40.04
N LEU A 13 22.92 23.85 -39.75
CA LEU A 13 22.62 24.59 -38.53
C LEU A 13 22.92 23.77 -37.29
N LYS A 14 22.61 22.47 -37.31
CA LYS A 14 22.95 21.61 -36.18
C LYS A 14 24.45 21.49 -36.00
N ASN A 15 25.19 21.37 -37.10
CA ASN A 15 26.66 21.31 -37.02
C ASN A 15 27.23 22.61 -36.48
N GLN A 16 26.68 23.75 -36.91
CA GLN A 16 27.13 25.04 -36.40
C GLN A 16 26.82 25.18 -34.92
N ILE A 17 25.65 24.70 -34.49
CA ILE A 17 25.30 24.75 -33.07
C ILE A 17 26.25 23.89 -32.25
N ARG A 18 26.59 22.70 -32.76
CA ARG A 18 27.54 21.84 -32.06
C ARG A 18 28.93 22.48 -32.00
N ASP A 19 29.36 23.12 -33.09
CA ASP A 19 30.66 23.79 -33.10
C ASP A 19 30.68 24.97 -32.13
N ALA A 20 29.60 25.75 -32.07
CA ALA A 20 29.53 26.85 -31.12
C ALA A 20 29.51 26.35 -29.68
N ARG A 21 28.82 25.23 -29.44
CA ARG A 21 28.81 24.62 -28.12
C ARG A 21 30.20 24.15 -27.72
N LYS A 22 30.94 23.54 -28.66
CA LYS A 22 32.31 23.11 -28.38
C LYS A 22 33.23 24.29 -28.12
N ALA A 23 33.06 25.37 -28.90
CA ALA A 23 33.89 26.56 -28.70
C ALA A 23 33.53 27.31 -27.42
N CYS A 24 32.32 27.14 -26.91
CA CYS A 24 31.87 27.76 -25.67
C CYS A 24 31.97 26.81 -24.49
N ALA A 25 32.99 25.96 -24.49
CA ALA A 25 33.18 24.94 -23.46
C ALA A 25 34.57 25.11 -22.83
N ASP A 26 34.95 24.11 -22.04
CA ASP A 26 36.24 24.05 -21.34
C ASP A 26 36.43 25.25 -20.42
N ALA A 27 37.16 26.26 -20.90
CA ALA A 27 37.44 27.50 -20.17
C ALA A 27 38.16 27.21 -18.84
N THR A 28 38.17 28.20 -17.95
CA THR A 28 38.83 28.06 -16.66
C THR A 28 38.04 27.15 -15.73
N GLN A 31 38.38 17.95 -13.11
CA GLN A 31 38.99 18.99 -13.93
C GLN A 31 38.79 20.36 -13.31
N ILE A 32 37.56 20.87 -13.36
CA ILE A 32 37.24 22.18 -12.82
C ILE A 32 37.03 22.15 -11.32
N THR A 33 37.09 20.96 -10.71
CA THR A 33 36.94 20.85 -9.26
C THR A 33 38.06 21.58 -8.53
N ASN A 34 37.73 22.13 -7.36
CA ASN A 34 38.64 22.97 -6.60
C ASN A 34 38.93 22.40 -5.22
N ASN A 35 38.85 21.07 -5.07
CA ASN A 35 39.08 20.36 -3.80
C ASN A 35 38.13 20.88 -2.71
N ILE A 36 36.85 20.61 -2.95
CA ILE A 36 35.75 21.18 -2.17
C ILE A 36 35.65 20.43 -0.84
N ASP A 37 36.49 19.39 -0.67
CA ASP A 37 36.50 18.52 0.51
C ASP A 37 35.15 17.84 0.65
N PRO A 38 34.86 16.85 -0.19
CA PRO A 38 33.51 16.29 -0.26
C PRO A 38 33.06 15.64 1.04
N VAL A 39 31.76 15.33 1.09
CA VAL A 39 31.12 14.84 2.31
C VAL A 39 31.53 13.44 2.70
N GLY A 40 32.31 12.75 1.85
CA GLY A 40 32.72 11.40 2.15
C GLY A 40 31.55 10.42 2.12
N ARG A 41 31.16 9.93 3.30
CA ARG A 41 30.04 9.02 3.43
C ARG A 41 29.00 9.62 4.36
N ILE A 42 27.76 9.69 3.89
CA ILE A 42 26.64 10.15 4.70
C ILE A 42 25.77 8.94 5.06
N GLN A 43 25.48 8.80 6.35
CA GLN A 43 24.72 7.65 6.85
C GLN A 43 23.32 8.09 7.22
N MET A 44 22.48 8.27 6.21
CA MET A 44 21.07 8.54 6.47
C MET A 44 20.39 7.27 6.97
N ARG A 45 19.46 7.45 7.91
CA ARG A 45 18.77 6.32 8.51
C ARG A 45 17.27 6.54 8.42
N THR A 46 16.54 5.42 8.48
CA THR A 46 15.09 5.44 8.35
C THR A 46 14.48 5.87 9.67
N ARG A 47 13.85 7.03 9.69
CA ARG A 47 13.17 7.54 10.87
C ARG A 47 11.71 7.16 10.91
N ARG A 48 11.04 7.06 9.76
CA ARG A 48 9.63 6.75 9.71
C ARG A 48 9.40 5.69 8.65
N THR A 49 8.38 4.87 8.85
CA THR A 49 7.85 3.99 7.83
C THR A 49 6.34 4.20 7.76
N LEU A 50 5.80 4.22 6.56
CA LEU A 50 4.41 4.60 6.32
C LEU A 50 3.69 3.41 5.68
N ARG A 51 3.03 2.61 6.49
CA ARG A 51 2.28 1.47 6.01
C ARG A 51 0.83 1.85 5.74
N GLY A 52 0.20 1.10 4.84
CA GLY A 52 -1.18 1.35 4.49
C GLY A 52 -1.47 1.16 3.03
N HIS A 53 -0.47 1.41 2.18
CA HIS A 53 -0.63 1.13 0.75
C HIS A 53 -0.60 -0.37 0.52
N LEU A 54 -1.42 -0.84 -0.42
CA LEU A 54 -1.52 -2.26 -0.73
C LEU A 54 -1.17 -2.56 -2.17
N ALA A 55 -0.42 -1.66 -2.82
CA ALA A 55 0.05 -1.86 -4.18
C ALA A 55 1.31 -1.01 -4.36
N LYS A 56 1.81 -0.94 -5.58
CA LYS A 56 3.05 -0.20 -5.84
C LYS A 56 2.83 1.29 -5.71
N ILE A 57 3.72 1.95 -4.98
CA ILE A 57 3.70 3.40 -4.84
C ILE A 57 4.34 4.01 -6.08
N TYR A 58 3.59 4.83 -6.81
CA TYR A 58 4.11 5.34 -8.07
C TYR A 58 4.65 6.76 -7.97
N ALA A 59 4.04 7.62 -7.17
CA ALA A 59 4.54 8.98 -7.01
C ALA A 59 4.22 9.47 -5.60
N MET A 60 5.07 10.37 -5.11
CA MET A 60 4.76 11.15 -3.93
C MET A 60 5.13 12.60 -4.17
N HIS A 61 4.51 13.49 -3.42
CA HIS A 61 4.91 14.89 -3.43
C HIS A 61 4.82 15.45 -2.02
N TRP A 62 5.81 16.24 -1.64
CA TRP A 62 5.84 16.93 -0.37
C TRP A 62 4.93 18.15 -0.39
N GLY A 63 4.50 18.57 0.79
CA GLY A 63 3.77 19.82 0.95
C GLY A 63 4.70 20.98 1.20
N THR A 64 4.11 22.16 1.29
CA THR A 64 4.89 23.37 1.55
C THR A 64 5.45 23.38 2.97
N ASP A 65 4.67 22.90 3.93
CA ASP A 65 5.05 22.94 5.34
C ASP A 65 6.07 21.88 5.73
N SER A 66 6.41 20.96 4.82
CA SER A 66 7.36 19.87 5.06
C SER A 66 6.91 18.97 6.20
N ARG A 67 5.60 18.80 6.37
CA ARG A 67 5.09 17.98 7.46
C ARG A 67 4.01 17.04 6.92
N LEU A 68 3.39 17.42 5.80
CA LEU A 68 2.38 16.61 5.15
C LEU A 68 2.89 16.16 3.79
N LEU A 69 2.47 14.97 3.37
CA LEU A 69 2.81 14.51 2.02
C LEU A 69 1.64 13.70 1.46
N VAL A 70 1.63 13.58 0.14
CA VAL A 70 0.61 12.84 -0.58
C VAL A 70 1.28 11.72 -1.37
N SER A 71 0.68 10.54 -1.36
CA SER A 71 1.22 9.39 -2.06
C SER A 71 0.13 8.72 -2.88
N ALA A 72 0.50 8.27 -4.07
CA ALA A 72 -0.42 7.62 -4.99
C ALA A 72 0.00 6.17 -5.18
N SER A 73 -0.96 5.26 -5.05
CA SER A 73 -0.64 3.86 -5.26
C SER A 73 -1.48 3.27 -6.38
N GLN A 74 -1.10 2.06 -6.79
CA GLN A 74 -1.78 1.36 -7.86
C GLN A 74 -3.07 0.69 -7.40
N ASP A 75 -3.39 0.74 -6.10
CA ASP A 75 -4.65 0.23 -5.61
C ASP A 75 -5.78 1.23 -5.75
N GLY A 76 -5.52 2.38 -6.37
CA GLY A 76 -6.56 3.36 -6.61
C GLY A 76 -6.74 4.39 -5.52
N LYS A 77 -5.72 4.65 -4.71
CA LYS A 77 -5.86 5.59 -3.61
C LYS A 77 -4.71 6.56 -3.53
N LEU A 78 -5.07 7.82 -3.24
CA LEU A 78 -4.16 8.81 -2.72
C LEU A 78 -4.27 8.80 -1.20
N ILE A 79 -3.16 8.98 -0.52
CA ILE A 79 -3.17 9.08 0.94
C ILE A 79 -2.35 10.30 1.33
N ILE A 80 -2.93 11.16 2.16
CA ILE A 80 -2.25 12.32 2.70
C ILE A 80 -1.84 11.96 4.11
N TRP A 81 -0.53 11.82 4.30
CA TRP A 81 0.10 11.43 5.55
C TRP A 81 0.62 12.65 6.28
N ASP A 82 0.49 12.63 7.61
CA ASP A 82 1.22 13.51 8.51
C ASP A 82 2.51 12.79 8.89
N SER A 83 3.63 13.22 8.31
CA SER A 83 4.88 12.48 8.43
C SER A 83 5.47 12.55 9.82
N TYR A 84 5.14 13.57 10.61
CA TYR A 84 5.75 13.73 11.92
C TYR A 84 5.28 12.65 12.89
N THR A 85 3.96 12.41 12.93
CA THR A 85 3.37 11.47 13.87
C THR A 85 2.87 10.20 13.20
N THR A 86 3.16 10.01 11.91
CA THR A 86 2.72 8.85 11.13
C THR A 86 1.20 8.70 11.21
N ASN A 87 0.51 9.77 10.83
CA ASN A 87 -0.95 9.81 10.86
C ASN A 87 -1.49 9.94 9.45
N LYS A 88 -2.56 9.19 9.18
CA LYS A 88 -3.25 9.30 7.89
C LYS A 88 -4.24 10.45 7.99
N VAL A 89 -3.86 11.61 7.46
CA VAL A 89 -4.76 12.76 7.48
C VAL A 89 -5.92 12.54 6.53
N HIS A 90 -5.65 12.06 5.32
CA HIS A 90 -6.72 11.85 4.34
C HIS A 90 -6.49 10.55 3.58
N ALA A 91 -7.59 9.95 3.13
CA ALA A 91 -7.56 8.80 2.22
C ALA A 91 -8.53 9.08 1.09
N ILE A 92 -8.01 9.49 -0.05
CA ILE A 92 -8.82 9.90 -1.21
C ILE A 92 -8.94 8.70 -2.15
N PRO A 93 -10.13 8.15 -2.35
CA PRO A 93 -10.32 7.19 -3.43
C PRO A 93 -10.28 7.89 -4.78
N LEU A 94 -9.86 7.14 -5.80
CA LEU A 94 -9.73 7.66 -7.15
C LEU A 94 -10.58 6.84 -8.11
N ARG A 95 -11.09 7.50 -9.15
CA ARG A 95 -11.82 6.78 -10.19
C ARG A 95 -10.89 5.89 -11.01
N SER A 96 -9.67 6.37 -11.28
CA SER A 96 -8.68 5.62 -12.02
C SER A 96 -7.62 5.08 -11.06
N SER A 97 -7.29 3.81 -11.18
CA SER A 97 -6.30 3.16 -10.34
C SER A 97 -4.92 3.12 -10.96
N TRP A 98 -4.72 3.76 -12.11
CA TRP A 98 -3.46 3.75 -12.83
C TRP A 98 -2.96 5.17 -12.86
N VAL A 99 -2.20 5.54 -11.84
CA VAL A 99 -1.70 6.90 -11.70
C VAL A 99 -0.18 6.84 -11.60
N MET A 100 0.49 7.66 -12.41
CA MET A 100 1.93 7.73 -12.38
C MET A 100 2.46 9.03 -11.79
N THR A 101 1.58 9.96 -11.47
CA THR A 101 2.00 11.24 -10.93
C THR A 101 1.00 11.72 -9.89
N CYS A 102 1.50 12.52 -8.96
CA CYS A 102 0.66 13.21 -7.98
C CYS A 102 1.39 14.47 -7.54
N ALA A 103 0.62 15.50 -7.24
CA ALA A 103 1.19 16.79 -6.90
C ALA A 103 0.46 17.37 -5.69
N TYR A 104 1.19 18.21 -4.95
CA TYR A 104 0.66 18.97 -3.82
C TYR A 104 0.70 20.44 -4.21
N ALA A 105 -0.46 21.10 -4.12
CA ALA A 105 -0.51 22.52 -4.40
C ALA A 105 0.29 23.29 -3.35
N PRO A 106 1.06 24.30 -3.76
CA PRO A 106 1.88 25.05 -2.78
C PRO A 106 1.06 25.75 -1.72
N SER A 107 -0.18 26.15 -2.05
CA SER A 107 -1.06 26.73 -1.05
C SER A 107 -1.59 25.69 -0.07
N GLY A 108 -1.53 24.42 -0.42
CA GLY A 108 -2.01 23.36 0.44
C GLY A 108 -3.50 23.07 0.35
N ASN A 109 -4.20 23.71 -0.57
CA ASN A 109 -5.65 23.52 -0.67
C ASN A 109 -6.05 22.41 -1.63
N TYR A 110 -5.17 22.04 -2.56
CA TYR A 110 -5.51 21.06 -3.59
C TYR A 110 -4.40 20.04 -3.73
N VAL A 111 -4.76 18.89 -4.32
CA VAL A 111 -3.80 17.92 -4.81
C VAL A 111 -4.19 17.55 -6.24
N ALA A 112 -3.20 17.11 -7.01
CA ALA A 112 -3.41 16.71 -8.39
C ALA A 112 -3.05 15.24 -8.56
N CYS A 113 -3.72 14.57 -9.49
CA CYS A 113 -3.45 13.16 -9.71
C CYS A 113 -3.70 12.83 -11.17
N GLY A 114 -2.84 11.99 -11.74
CA GLY A 114 -2.94 11.68 -13.15
C GLY A 114 -2.23 10.39 -13.53
N GLY A 115 -2.61 9.86 -14.68
CA GLY A 115 -2.07 8.60 -15.15
C GLY A 115 -2.56 8.16 -16.50
N LEU A 116 -2.93 6.89 -16.63
CA LEU A 116 -3.25 6.29 -17.92
C LEU A 116 -4.62 6.66 -18.44
N ASP A 117 -5.44 7.36 -17.66
CA ASP A 117 -6.77 7.76 -18.11
C ASP A 117 -6.74 9.09 -18.85
N ASN A 118 -5.55 9.68 -19.01
CA ASN A 118 -5.34 10.94 -19.73
C ASN A 118 -6.11 12.11 -19.11
N ILE A 119 -6.31 12.09 -17.79
CA ILE A 119 -7.02 13.13 -17.08
C ILE A 119 -6.17 13.57 -15.89
N CYS A 120 -6.04 14.87 -15.70
CA CYS A 120 -5.42 15.44 -14.49
C CYS A 120 -6.56 15.88 -13.58
N SER A 121 -6.81 15.08 -12.54
CA SER A 121 -7.90 15.38 -11.62
C SER A 121 -7.36 16.22 -10.46
N ILE A 122 -8.04 17.33 -10.16
CA ILE A 122 -7.74 18.12 -8.98
C ILE A 122 -8.69 17.72 -7.86
N TYR A 123 -8.18 17.70 -6.63
CA TYR A 123 -8.97 17.37 -5.45
C TYR A 123 -8.82 18.49 -4.45
N ASN A 124 -9.94 18.93 -3.88
CA ASN A 124 -10.00 20.05 -2.95
C ASN A 124 -9.98 19.50 -1.52
N LEU A 125 -8.98 19.91 -0.75
CA LEU A 125 -8.84 19.45 0.63
C LEU A 125 -9.51 20.41 1.61
N LYS A 126 -9.05 21.67 1.63
CA LYS A 126 -9.51 22.66 2.58
C LYS A 126 -10.84 23.25 2.09
N THR A 127 -11.88 22.44 2.21
CA THR A 127 -13.23 22.83 1.87
C THR A 127 -14.18 22.42 2.98
N ARG A 128 -15.41 22.89 2.90
CA ARG A 128 -16.44 22.54 3.88
C ARG A 128 -16.89 21.10 3.65
N GLU A 129 -17.91 20.68 4.40
CA GLU A 129 -18.51 19.34 4.35
C GLU A 129 -17.54 18.23 4.75
N GLY A 130 -16.32 18.58 5.12
CA GLY A 130 -15.38 17.65 5.73
C GLY A 130 -14.93 16.50 4.86
N ASN A 131 -15.14 16.58 3.55
CA ASN A 131 -14.72 15.52 2.64
C ASN A 131 -13.95 16.10 1.48
N VAL A 132 -12.96 15.36 1.02
CA VAL A 132 -12.19 15.74 -0.16
C VAL A 132 -12.97 15.31 -1.40
N ARG A 133 -13.31 16.27 -2.24
CA ARG A 133 -14.17 16.02 -3.40
C ARG A 133 -13.43 16.33 -4.69
N VAL A 134 -13.87 15.69 -5.76
CA VAL A 134 -13.29 15.93 -7.08
C VAL A 134 -13.76 17.29 -7.60
N SER A 135 -12.83 18.03 -8.19
CA SER A 135 -13.15 19.27 -8.87
C SER A 135 -12.13 19.44 -9.98
N ARG A 136 -12.61 19.77 -11.19
CA ARG A 136 -11.73 20.00 -12.33
C ARG A 136 -10.90 18.78 -12.69
N GLU A 137 -11.56 17.80 -13.29
CA GLU A 137 -10.91 16.74 -14.07
C GLU A 137 -10.50 17.31 -15.42
N LEU A 138 -9.30 17.87 -15.49
CA LEU A 138 -8.80 18.45 -16.73
C LEU A 138 -8.50 17.36 -17.76
N ALA A 139 -9.03 17.54 -18.96
CA ALA A 139 -8.92 16.55 -20.03
C ALA A 139 -8.51 17.25 -21.32
N GLY A 140 -7.87 16.49 -22.22
CA GLY A 140 -7.41 17.05 -23.47
C GLY A 140 -6.11 16.46 -23.98
N HIS A 141 -5.44 15.65 -23.16
CA HIS A 141 -4.28 14.93 -23.63
C HIS A 141 -4.70 13.63 -24.32
N THR A 142 -3.91 13.23 -25.32
CA THR A 142 -4.17 11.97 -26.00
C THR A 142 -3.38 10.82 -25.39
N GLY A 143 -2.19 11.09 -24.86
CA GLY A 143 -1.41 10.09 -24.16
C GLY A 143 -1.57 10.19 -22.65
N TYR A 144 -0.91 9.26 -21.96
CA TYR A 144 -0.94 9.22 -20.50
C TYR A 144 -0.11 10.36 -19.91
N LEU A 145 -0.55 10.84 -18.76
CA LEU A 145 0.21 11.87 -18.05
C LEU A 145 1.33 11.24 -17.24
N SER A 146 2.54 11.75 -17.43
CA SER A 146 3.70 11.29 -16.69
C SER A 146 4.03 12.16 -15.49
N CYS A 147 3.66 13.44 -15.53
CA CYS A 147 3.95 14.35 -14.43
C CYS A 147 2.94 15.48 -14.45
N CYS A 148 2.75 16.10 -13.28
CA CYS A 148 1.91 17.28 -13.15
C CYS A 148 2.44 18.11 -11.98
N ARG A 149 2.61 19.40 -12.21
CA ARG A 149 3.13 20.31 -11.19
C ARG A 149 2.26 21.56 -11.15
N PHE A 150 1.97 22.02 -9.93
CA PHE A 150 1.16 23.21 -9.75
C PHE A 150 2.02 24.46 -9.91
N LEU A 151 1.55 25.40 -10.72
CA LEU A 151 2.14 26.73 -10.73
C LEU A 151 1.64 27.55 -9.55
N ASP A 152 0.32 27.64 -9.42
CA ASP A 152 -0.35 28.25 -8.28
C ASP A 152 -1.68 27.54 -8.11
N ASP A 153 -2.60 28.16 -7.36
CA ASP A 153 -3.93 27.57 -7.16
C ASP A 153 -4.76 27.55 -8.43
N ASN A 154 -4.38 28.30 -9.46
CA ASN A 154 -5.18 28.44 -10.67
C ASN A 154 -4.51 27.86 -11.91
N GLN A 155 -3.19 27.64 -11.89
CA GLN A 155 -2.46 27.19 -13.07
C GLN A 155 -1.73 25.89 -12.80
N ILE A 156 -1.76 24.98 -13.78
CA ILE A 156 -1.09 23.69 -13.69
C ILE A 156 -0.36 23.41 -14.99
N VAL A 157 0.65 22.55 -14.92
CA VAL A 157 1.39 22.10 -16.10
C VAL A 157 1.43 20.58 -16.08
N THR A 158 1.13 19.97 -17.23
CA THR A 158 1.04 18.51 -17.36
C THR A 158 1.87 18.05 -18.54
N SER A 159 2.74 17.07 -18.32
CA SER A 159 3.52 16.44 -19.37
C SER A 159 2.91 15.08 -19.72
N SER A 160 2.77 14.80 -21.01
CA SER A 160 2.06 13.59 -21.40
C SER A 160 2.91 12.73 -22.34
N GLY A 161 2.38 11.55 -22.63
CA GLY A 161 2.98 10.59 -23.53
C GLY A 161 2.65 10.79 -24.99
N ASP A 162 1.93 11.85 -25.34
CA ASP A 162 1.67 12.21 -26.72
C ASP A 162 2.63 13.28 -27.23
N THR A 163 3.87 13.28 -26.71
CA THR A 163 4.91 14.24 -27.09
C THR A 163 4.45 15.68 -26.90
N THR A 164 3.82 15.96 -25.77
CA THR A 164 3.19 17.26 -25.56
C THR A 164 3.17 17.61 -24.07
N CYS A 165 3.56 18.85 -23.77
CA CYS A 165 3.30 19.45 -22.47
C CYS A 165 2.19 20.47 -22.60
N ALA A 166 1.55 20.79 -21.48
CA ALA A 166 0.40 21.69 -21.52
C ALA A 166 0.38 22.54 -20.26
N LEU A 167 -0.02 23.80 -20.42
CA LEU A 167 -0.31 24.70 -19.32
C LEU A 167 -1.81 24.98 -19.31
N TRP A 168 -2.45 24.67 -18.19
CA TRP A 168 -3.88 24.80 -18.00
C TRP A 168 -4.17 25.85 -16.93
N ASP A 169 -5.32 26.51 -17.08
CA ASP A 169 -5.92 27.25 -15.98
C ASP A 169 -7.09 26.46 -15.41
N ILE A 170 -7.13 26.34 -14.09
CA ILE A 170 -8.06 25.42 -13.44
C ILE A 170 -9.44 26.06 -13.30
N GLU A 171 -9.53 27.39 -13.32
CA GLU A 171 -10.82 28.05 -13.16
C GLU A 171 -11.75 27.73 -14.33
N THR A 172 -11.23 27.71 -15.55
CA THR A 172 -12.05 27.45 -16.73
C THR A 172 -12.03 25.99 -17.16
N GLY A 173 -10.97 25.26 -16.82
CA GLY A 173 -10.86 23.87 -17.25
C GLY A 173 -10.33 23.69 -18.65
N GLN A 174 -9.82 24.72 -19.29
CA GLN A 174 -9.33 24.67 -20.65
C GLN A 174 -7.83 24.89 -20.69
N GLN A 175 -7.15 24.16 -21.55
CA GLN A 175 -5.71 24.32 -21.74
C GLN A 175 -5.43 25.66 -22.41
N THR A 176 -4.47 26.41 -21.88
CA THR A 176 -4.16 27.72 -22.41
C THR A 176 -2.81 27.79 -23.12
N THR A 177 -1.96 26.79 -22.98
CA THR A 177 -0.73 26.77 -23.76
C THR A 177 -0.35 25.32 -24.05
N THR A 178 0.09 25.06 -25.28
CA THR A 178 0.55 23.74 -25.68
C THR A 178 2.02 23.83 -26.07
N PHE A 179 2.84 22.94 -25.50
CA PHE A 179 4.28 22.89 -25.75
C PHE A 179 4.55 21.64 -26.58
N THR A 180 5.00 21.84 -27.81
CA THR A 180 5.27 20.77 -28.76
C THR A 180 6.69 20.90 -29.28
N GLY A 181 7.25 19.77 -29.70
CA GLY A 181 8.61 19.75 -30.20
C GLY A 181 9.37 18.49 -29.86
N HIS A 182 8.91 17.76 -28.86
CA HIS A 182 9.50 16.46 -28.54
C HIS A 182 9.07 15.43 -29.57
N THR A 183 9.98 14.52 -29.91
CA THR A 183 9.67 13.44 -30.83
C THR A 183 9.17 12.20 -30.09
N GLY A 184 9.72 11.92 -28.90
CA GLY A 184 9.30 10.79 -28.10
C GLY A 184 8.39 11.19 -26.95
N ASP A 185 7.97 10.17 -26.20
CA ASP A 185 7.10 10.37 -25.06
C ASP A 185 7.81 11.15 -23.96
N VAL A 186 7.09 12.07 -23.33
CA VAL A 186 7.64 12.91 -22.27
C VAL A 186 7.42 12.22 -20.93
N MET A 187 8.47 12.12 -20.12
CA MET A 187 8.40 11.36 -18.89
C MET A 187 8.50 12.18 -17.62
N SER A 188 9.18 13.32 -17.64
CA SER A 188 9.42 14.06 -16.41
C SER A 188 9.14 15.54 -16.63
N LEU A 189 9.13 16.29 -15.53
CA LEU A 189 8.75 17.69 -15.54
C LEU A 189 9.22 18.32 -14.25
N SER A 190 9.98 19.40 -14.35
CA SER A 190 10.40 20.17 -13.19
C SER A 190 10.21 21.65 -13.48
N LEU A 191 9.62 22.34 -12.51
CA LEU A 191 9.31 23.75 -12.63
C LEU A 191 10.43 24.58 -12.03
N ALA A 192 10.72 25.71 -12.65
CA ALA A 192 11.72 26.63 -12.12
C ALA A 192 11.20 27.27 -10.83
N PRO A 193 12.10 27.67 -9.93
CA PRO A 193 11.66 28.32 -8.68
C PRO A 193 10.87 29.61 -8.90
N ASP A 194 11.14 30.35 -9.97
CA ASP A 194 10.41 31.57 -10.26
C ASP A 194 9.14 31.34 -11.07
N THR A 195 8.83 30.07 -11.38
CA THR A 195 7.59 29.67 -12.04
C THR A 195 7.39 30.37 -13.38
N ARG A 196 8.49 30.58 -14.12
CA ARG A 196 8.45 31.13 -15.46
C ARG A 196 8.90 30.17 -16.53
N LEU A 197 9.78 29.23 -16.19
CA LEU A 197 10.36 28.29 -17.14
C LEU A 197 10.19 26.87 -16.61
N PHE A 198 10.34 25.89 -17.50
CA PHE A 198 10.41 24.51 -17.04
C PHE A 198 11.15 23.63 -18.04
N VAL A 199 11.82 22.61 -17.50
CA VAL A 199 12.53 21.61 -18.29
C VAL A 199 11.63 20.41 -18.47
N SER A 200 11.88 19.64 -19.52
CA SER A 200 11.03 18.50 -19.85
C SER A 200 11.87 17.44 -20.56
N GLY A 201 11.97 16.26 -19.96
CA GLY A 201 12.75 15.16 -20.52
C GLY A 201 11.85 14.16 -21.21
N ALA A 202 12.33 13.62 -22.33
CA ALA A 202 11.54 12.70 -23.14
C ALA A 202 12.30 11.40 -23.38
N CYS A 203 11.57 10.42 -23.91
CA CYS A 203 12.14 9.14 -24.33
C CYS A 203 12.92 9.24 -25.63
N ASP A 204 12.90 10.39 -26.29
CA ASP A 204 13.72 10.63 -27.47
C ASP A 204 15.16 11.04 -27.08
N ALA A 205 15.52 10.81 -25.81
CA ALA A 205 16.83 11.17 -25.25
C ALA A 205 17.10 12.66 -25.42
N SER A 206 16.06 13.48 -25.23
CA SER A 206 16.17 14.92 -25.35
C SER A 206 15.44 15.58 -24.19
N ALA A 207 16.07 16.60 -23.63
CA ALA A 207 15.46 17.45 -22.62
C ALA A 207 15.32 18.85 -23.20
N LYS A 208 14.12 19.40 -23.14
CA LYS A 208 13.83 20.70 -23.72
C LYS A 208 13.48 21.68 -22.62
N LEU A 209 14.10 22.86 -22.68
CA LEU A 209 13.83 23.97 -21.78
C LEU A 209 12.87 24.93 -22.44
N TRP A 210 11.71 25.15 -21.80
CA TRP A 210 10.59 25.90 -22.32
C TRP A 210 10.30 27.12 -21.46
N ASP A 211 9.80 28.17 -22.12
CA ASP A 211 9.27 29.37 -21.47
C ASP A 211 7.75 29.28 -21.42
N VAL A 212 7.17 29.44 -20.23
CA VAL A 212 5.74 29.24 -20.05
C VAL A 212 4.95 30.35 -20.71
N ARG A 213 5.39 31.60 -20.54
CA ARG A 213 4.62 32.73 -21.05
C ARG A 213 4.62 32.78 -22.56
N GLU A 214 5.79 32.60 -23.18
CA GLU A 214 5.87 32.67 -24.63
C GLU A 214 5.23 31.46 -25.29
N GLY A 215 5.49 30.27 -24.77
CA GLY A 215 4.95 29.05 -25.34
C GLY A 215 5.87 28.29 -26.26
N MET A 216 7.15 28.66 -26.33
CA MET A 216 8.08 28.07 -27.27
C MET A 216 9.30 27.50 -26.54
N CYS A 217 9.88 26.47 -27.15
CA CYS A 217 11.06 25.82 -26.60
C CYS A 217 12.26 26.75 -26.74
N ARG A 218 12.81 27.22 -25.61
CA ARG A 218 13.94 28.13 -25.71
C ARG A 218 15.22 27.39 -26.07
N GLN A 219 15.43 26.19 -25.52
CA GLN A 219 16.59 25.42 -25.98
C GLN A 219 16.40 23.94 -25.75
N THR A 220 17.32 23.15 -26.29
CA THR A 220 17.26 21.69 -26.24
C THR A 220 18.62 21.10 -25.89
N PHE A 221 18.60 19.89 -25.34
CA PHE A 221 19.79 19.16 -24.92
C PHE A 221 19.62 17.70 -25.31
N THR A 222 20.62 17.13 -25.97
CA THR A 222 20.53 15.79 -26.54
C THR A 222 21.79 14.97 -26.22
N GLY A 223 22.17 14.94 -24.94
CA GLY A 223 23.36 14.24 -24.53
C GLY A 223 23.17 12.82 -24.01
N HIS A 224 21.98 12.24 -24.13
CA HIS A 224 21.70 10.94 -23.55
C HIS A 224 21.66 9.87 -24.63
N GLU A 225 21.33 8.64 -24.21
CA GLU A 225 21.32 7.50 -25.12
C GLU A 225 20.11 6.59 -24.96
N SER A 226 19.18 6.90 -24.06
CA SER A 226 18.00 6.07 -23.86
C SER A 226 16.86 6.96 -23.41
N ASP A 227 15.79 6.35 -22.89
CA ASP A 227 14.63 7.11 -22.46
C ASP A 227 14.91 7.83 -21.15
N ILE A 228 14.85 9.15 -21.17
CA ILE A 228 14.94 9.94 -19.94
C ILE A 228 13.69 9.71 -19.10
N ASN A 229 13.88 9.37 -17.83
CA ASN A 229 12.77 9.05 -16.94
C ASN A 229 12.49 10.12 -15.88
N ALA A 230 13.53 10.79 -15.38
CA ALA A 230 13.37 11.76 -14.31
C ALA A 230 14.14 13.02 -14.63
N ILE A 231 13.68 14.15 -14.08
CA ILE A 231 14.33 15.44 -14.26
C ILE A 231 14.06 16.27 -13.02
N CYS A 232 14.93 17.24 -12.76
CA CYS A 232 14.76 18.14 -11.62
C CYS A 232 15.61 19.38 -11.83
N PHE A 233 15.05 20.53 -11.47
CA PHE A 233 15.81 21.77 -11.46
C PHE A 233 16.75 21.84 -10.26
N PHE A 234 17.92 22.43 -10.49
CA PHE A 234 18.75 22.92 -9.41
C PHE A 234 17.98 24.01 -8.66
N PRO A 235 18.22 24.16 -7.36
CA PRO A 235 17.54 25.24 -6.62
C PRO A 235 17.86 26.64 -7.13
N ASN A 236 19.00 26.82 -7.80
CA ASN A 236 19.33 28.11 -8.38
C ASN A 236 18.42 28.48 -9.53
N GLY A 237 17.83 27.50 -10.21
CA GLY A 237 17.06 27.75 -11.41
C GLY A 237 17.88 27.96 -12.67
N ASN A 238 19.21 27.78 -12.59
CA ASN A 238 20.10 27.98 -13.74
C ASN A 238 20.69 26.68 -14.26
N ALA A 239 20.35 25.54 -13.67
CA ALA A 239 20.84 24.24 -14.12
C ALA A 239 19.81 23.18 -13.81
N PHE A 240 19.94 22.01 -14.43
CA PHE A 240 19.07 20.91 -14.08
C PHE A 240 19.83 19.60 -14.25
N ALA A 241 19.25 18.55 -13.68
CA ALA A 241 19.82 17.22 -13.75
C ALA A 241 18.74 16.24 -14.16
N THR A 242 19.15 15.13 -14.76
CA THR A 242 18.19 14.15 -15.24
C THR A 242 18.83 12.77 -15.26
N GLY A 243 17.99 11.76 -15.38
CA GLY A 243 18.45 10.38 -15.47
C GLY A 243 17.64 9.64 -16.51
N SER A 244 18.25 8.57 -17.03
CA SER A 244 17.64 7.82 -18.12
C SER A 244 17.79 6.33 -17.86
N ASP A 245 17.38 5.53 -18.83
CA ASP A 245 17.43 4.08 -18.72
C ASP A 245 18.80 3.51 -19.08
N ASP A 246 19.76 4.34 -19.46
CA ASP A 246 21.11 3.88 -19.75
C ASP A 246 22.01 3.92 -18.52
N ALA A 247 21.42 3.90 -17.32
CA ALA A 247 22.15 3.79 -16.05
C ALA A 247 23.14 4.92 -15.85
N THR A 248 22.75 6.14 -16.24
CA THR A 248 23.59 7.31 -16.02
C THR A 248 22.71 8.51 -15.70
N CYS A 249 23.32 9.47 -15.01
CA CYS A 249 22.68 10.75 -14.71
C CYS A 249 23.51 11.86 -15.35
N ARG A 250 22.83 12.92 -15.79
CA ARG A 250 23.53 14.02 -16.43
C ARG A 250 23.02 15.35 -15.89
N LEU A 251 23.95 16.21 -15.51
CA LEU A 251 23.66 17.57 -15.08
C LEU A 251 24.00 18.51 -16.24
N PHE A 252 22.97 19.15 -16.79
CA PHE A 252 23.07 20.19 -17.80
C PHE A 252 22.94 21.56 -17.15
N ASP A 253 23.43 22.58 -17.85
CA ASP A 253 23.31 23.96 -17.42
C ASP A 253 22.47 24.73 -18.42
N LEU A 254 21.61 25.62 -17.92
CA LEU A 254 20.69 26.35 -18.78
C LEU A 254 21.41 27.36 -19.66
N ARG A 255 22.35 28.12 -19.09
CA ARG A 255 22.97 29.21 -19.84
C ARG A 255 23.99 28.70 -20.84
N ALA A 256 24.81 27.72 -20.45
CA ALA A 256 25.85 27.23 -21.36
C ALA A 256 25.28 26.32 -22.44
N ASP A 257 24.10 25.75 -22.20
CA ASP A 257 23.42 24.83 -23.13
C ASP A 257 24.26 23.59 -23.44
N GLN A 258 25.01 23.09 -22.46
CA GLN A 258 25.83 21.90 -22.62
C GLN A 258 25.54 20.91 -21.51
N GLU A 259 26.12 19.72 -21.64
CA GLU A 259 26.12 18.72 -20.58
C GLU A 259 27.32 18.96 -19.69
N LEU A 260 27.06 19.34 -18.44
CA LEU A 260 28.15 19.78 -17.57
C LEU A 260 28.79 18.63 -16.80
N MET A 261 28.00 17.67 -16.33
CA MET A 261 28.60 16.59 -15.56
C MET A 261 27.81 15.31 -15.77
N THR A 262 28.48 14.16 -15.61
CA THR A 262 27.87 12.86 -15.79
C THR A 262 28.19 11.96 -14.61
N TYR A 263 27.15 11.37 -14.02
CA TYR A 263 27.27 10.43 -12.90
C TYR A 263 26.95 9.04 -13.42
N SER A 264 27.98 8.21 -13.56
CA SER A 264 27.81 6.82 -13.99
C SER A 264 28.81 5.95 -13.25
N HIS A 265 28.49 4.67 -13.16
CA HIS A 265 29.36 3.71 -12.51
C HIS A 265 29.37 2.42 -13.31
N ASP A 266 30.46 1.66 -13.19
CA ASP A 266 30.60 0.42 -13.95
C ASP A 266 29.62 -0.64 -13.47
N ASN A 267 29.43 -0.75 -12.16
CA ASN A 267 28.55 -1.77 -11.59
C ASN A 267 27.07 -1.40 -11.63
N ILE A 268 26.74 -0.19 -12.06
CA ILE A 268 25.35 0.26 -12.17
C ILE A 268 24.91 0.04 -13.61
N ILE A 269 24.00 -0.92 -13.82
CA ILE A 269 23.49 -1.21 -15.16
C ILE A 269 21.97 -1.15 -15.15
N CYS A 270 21.42 -0.34 -14.24
CA CYS A 270 19.98 -0.24 -14.07
C CYS A 270 19.54 1.20 -14.27
N GLY A 271 18.33 1.37 -14.82
CA GLY A 271 17.83 2.68 -15.11
C GLY A 271 17.48 3.48 -13.85
N ILE A 272 17.33 4.79 -14.05
CA ILE A 272 17.02 5.71 -12.97
C ILE A 272 15.55 6.08 -13.07
N THR A 273 14.83 5.92 -11.96
CA THR A 273 13.39 6.19 -11.92
C THR A 273 13.08 7.59 -11.41
N SER A 274 13.81 8.07 -10.41
CA SER A 274 13.51 9.34 -9.78
C SER A 274 14.79 10.06 -9.42
N VAL A 275 14.81 11.37 -9.63
CA VAL A 275 15.96 12.23 -9.31
C VAL A 275 15.46 13.43 -8.51
N SER A 276 16.18 13.79 -7.45
CA SER A 276 15.87 14.99 -6.69
C SER A 276 17.14 15.51 -6.04
N PHE A 277 17.25 16.83 -5.95
CA PHE A 277 18.34 17.48 -5.24
C PHE A 277 18.03 17.63 -3.76
N SER A 278 19.02 18.08 -3.00
CA SER A 278 18.83 18.52 -1.63
C SER A 278 18.52 20.01 -1.62
N LYS A 279 18.54 20.63 -0.44
CA LYS A 279 18.20 22.05 -0.35
C LYS A 279 19.30 22.92 -0.95
N SER A 280 20.55 22.65 -0.61
CA SER A 280 21.67 23.45 -1.10
C SER A 280 22.09 23.05 -2.51
N GLY A 281 21.64 21.90 -3.01
CA GLY A 281 22.02 21.44 -4.32
C GLY A 281 23.32 20.67 -4.37
N ARG A 282 24.03 20.53 -3.25
CA ARG A 282 25.27 19.77 -3.23
C ARG A 282 25.02 18.29 -3.43
N LEU A 283 23.94 17.78 -2.85
CA LEU A 283 23.60 16.37 -2.92
C LEU A 283 22.61 16.15 -4.05
N LEU A 284 22.80 15.06 -4.80
CA LEU A 284 21.86 14.65 -5.83
C LEU A 284 21.44 13.22 -5.53
N LEU A 285 20.19 13.03 -5.14
CA LEU A 285 19.69 11.72 -4.77
C LEU A 285 18.92 11.14 -5.95
N ALA A 286 19.22 9.90 -6.30
CA ALA A 286 18.63 9.25 -7.47
C ALA A 286 18.19 7.85 -7.10
N GLY A 287 16.97 7.50 -7.50
CA GLY A 287 16.46 6.16 -7.27
C GLY A 287 16.68 5.29 -8.49
N TYR A 288 17.10 4.05 -8.25
CA TYR A 288 17.49 3.13 -9.30
C TYR A 288 16.61 1.89 -9.28
N ASP A 289 16.80 1.04 -10.29
CA ASP A 289 16.10 -0.22 -10.41
C ASP A 289 16.75 -1.33 -9.59
N ASP A 290 17.96 -1.11 -9.08
CA ASP A 290 18.67 -2.07 -8.25
C ASP A 290 18.24 -2.03 -6.79
N PHE A 291 17.07 -1.45 -6.53
CA PHE A 291 16.37 -1.37 -5.24
C PHE A 291 17.03 -0.40 -4.28
N ASN A 292 18.14 0.24 -4.66
CA ASN A 292 18.81 1.20 -3.81
C ASN A 292 18.36 2.62 -4.17
N CYS A 293 18.91 3.59 -3.45
CA CYS A 293 18.73 5.01 -3.78
C CYS A 293 20.08 5.67 -3.52
N ASN A 294 20.82 5.95 -4.58
CA ASN A 294 22.16 6.47 -4.42
C ASN A 294 22.12 7.97 -4.17
N VAL A 295 23.14 8.45 -3.46
CA VAL A 295 23.31 9.86 -3.16
C VAL A 295 24.68 10.24 -3.72
N TRP A 296 24.66 10.95 -4.85
CA TRP A 296 25.87 11.45 -5.49
C TRP A 296 26.18 12.85 -4.99
N ASP A 297 27.45 13.21 -5.08
CA ASP A 297 27.89 14.58 -4.86
C ASP A 297 27.78 15.32 -6.19
N ALA A 298 26.90 16.33 -6.24
CA ALA A 298 26.60 17.00 -7.50
C ALA A 298 27.76 17.80 -8.05
N LEU A 299 28.79 18.07 -7.25
CA LEU A 299 29.95 18.80 -7.72
C LEU A 299 31.21 17.95 -7.80
N LYS A 300 31.15 16.70 -7.36
CA LYS A 300 32.31 15.81 -7.39
C LYS A 300 32.08 14.52 -8.17
N ALA A 301 30.82 14.20 -8.49
CA ALA A 301 30.45 13.06 -9.34
C ALA A 301 30.96 11.74 -8.76
N ASP A 302 30.73 11.54 -7.48
CA ASP A 302 31.04 10.27 -6.82
C ASP A 302 29.89 9.84 -5.94
N ARG A 303 29.81 8.54 -5.69
CA ARG A 303 28.72 7.97 -4.89
C ARG A 303 29.02 8.25 -3.42
N ALA A 304 28.45 9.34 -2.90
CA ALA A 304 28.65 9.69 -1.51
C ALA A 304 27.93 8.72 -0.57
N GLY A 305 26.77 8.22 -0.97
CA GLY A 305 26.04 7.34 -0.07
C GLY A 305 25.05 6.44 -0.78
N VAL A 306 24.54 5.47 -0.03
CA VAL A 306 23.57 4.50 -0.52
C VAL A 306 22.43 4.40 0.50
N LEU A 307 21.20 4.48 0.01
CA LEU A 307 20.01 4.26 0.83
C LEU A 307 19.43 2.92 0.43
N ALA A 308 19.59 1.92 1.30
CA ALA A 308 19.18 0.54 1.03
C ALA A 308 18.21 0.13 2.12
N GLY A 309 16.92 0.31 1.85
CA GLY A 309 15.91 -0.13 2.79
C GLY A 309 14.66 -0.66 2.11
N HIS A 310 14.70 -0.78 0.79
CA HIS A 310 13.53 -1.16 0.01
C HIS A 310 13.77 -2.52 -0.64
N ASP A 311 12.72 -3.34 -0.65
CA ASP A 311 12.79 -4.68 -1.23
C ASP A 311 12.16 -4.73 -2.63
N ASN A 312 12.07 -3.60 -3.32
CA ASN A 312 11.60 -3.57 -4.69
C ASN A 312 12.13 -2.29 -5.35
N ARG A 313 11.60 -1.99 -6.53
CA ARG A 313 12.09 -0.88 -7.34
C ARG A 313 11.72 0.46 -6.71
N VAL A 314 12.72 1.28 -6.42
CA VAL A 314 12.49 2.62 -5.88
C VAL A 314 11.91 3.49 -6.99
N SER A 315 10.64 3.90 -6.84
CA SER A 315 9.91 4.56 -7.91
C SER A 315 9.83 6.07 -7.76
N CYS A 316 9.64 6.58 -6.54
CA CYS A 316 9.49 8.01 -6.32
C CYS A 316 10.38 8.46 -5.17
N LEU A 317 10.79 9.72 -5.23
CA LEU A 317 11.82 10.24 -4.35
C LEU A 317 11.61 11.74 -4.19
N GLY A 318 11.40 12.19 -2.96
CA GLY A 318 11.16 13.59 -2.71
C GLY A 318 11.96 14.09 -1.52
N VAL A 319 12.21 15.40 -1.53
CA VAL A 319 13.00 16.07 -0.51
C VAL A 319 12.19 17.26 0.02
N THR A 320 12.22 17.46 1.34
CA THR A 320 11.49 18.54 1.97
C THR A 320 12.01 19.90 1.51
N ASP A 321 11.14 20.91 1.63
CA ASP A 321 11.52 22.27 1.28
C ASP A 321 12.56 22.83 2.23
N ASP A 322 12.52 22.41 3.50
CA ASP A 322 13.52 22.83 4.48
C ASP A 322 14.67 21.85 4.60
N GLY A 323 14.70 20.78 3.80
CA GLY A 323 15.81 19.85 3.79
C GLY A 323 15.87 18.89 4.95
N MET A 324 14.79 18.74 5.70
CA MET A 324 14.84 17.90 6.90
C MET A 324 14.77 16.42 6.58
N ALA A 325 14.01 16.02 5.55
CA ALA A 325 13.72 14.62 5.32
C ALA A 325 13.78 14.29 3.85
N VAL A 326 14.00 13.01 3.57
CA VAL A 326 13.97 12.47 2.21
C VAL A 326 13.02 11.28 2.22
N ALA A 327 11.95 11.35 1.45
CA ALA A 327 10.94 10.30 1.45
C ALA A 327 10.97 9.56 0.12
N THR A 328 11.15 8.24 0.19
CA THR A 328 11.22 7.40 -1.00
C THR A 328 10.09 6.39 -0.95
N GLY A 329 9.40 6.24 -2.08
CA GLY A 329 8.40 5.21 -2.22
C GLY A 329 8.77 4.23 -3.30
N SER A 330 8.69 2.95 -2.99
CA SER A 330 9.07 1.88 -3.90
C SER A 330 7.85 1.01 -4.21
N TRP A 331 8.10 -0.09 -4.91
CA TRP A 331 7.02 -0.99 -5.31
C TRP A 331 6.64 -1.97 -4.20
N ASP A 332 7.28 -1.88 -3.04
CA ASP A 332 7.01 -2.77 -1.92
C ASP A 332 5.86 -2.28 -1.05
N SER A 333 5.01 -1.41 -1.58
CA SER A 333 3.83 -0.83 -0.94
C SER A 333 4.15 -0.02 0.31
N PHE A 334 5.42 0.26 0.58
CA PHE A 334 5.84 1.04 1.73
C PHE A 334 6.70 2.19 1.26
N LEU A 335 6.48 3.36 1.81
CA LEU A 335 7.37 4.49 1.60
C LEU A 335 7.99 4.88 2.93
N LYS A 336 9.27 5.20 2.90
CA LYS A 336 10.03 5.46 4.11
C LYS A 336 10.64 6.85 4.05
N ILE A 337 10.99 7.35 5.24
CA ILE A 337 11.54 8.68 5.42
C ILE A 337 12.92 8.53 6.03
N TRP A 338 13.91 9.15 5.39
CA TRP A 338 15.30 9.12 5.83
C TRP A 338 15.73 10.49 6.32
N ASN A 339 16.54 10.48 7.37
CA ASN A 339 17.17 11.68 7.91
C ASN A 339 18.57 11.35 8.39
N GLN B 11 6.55 21.45 -43.93
CA GLN B 11 7.02 20.14 -43.47
C GLN B 11 8.03 20.31 -42.33
N ALA B 12 9.31 20.22 -42.67
CA ALA B 12 10.39 20.39 -41.71
C ALA B 12 10.90 21.82 -41.63
N ARG B 13 10.24 22.76 -42.32
CA ARG B 13 10.65 24.16 -42.27
C ARG B 13 10.48 24.72 -40.86
N LYS B 14 9.42 24.31 -40.15
CA LYS B 14 9.25 24.73 -38.77
C LYS B 14 10.37 24.18 -37.88
N LEU B 15 10.78 22.94 -38.11
CA LEU B 15 11.89 22.36 -37.36
C LEU B 15 13.19 23.09 -37.65
N VAL B 16 13.42 23.46 -38.91
CA VAL B 16 14.62 24.20 -39.27
C VAL B 16 14.62 25.58 -38.62
N GLU B 17 13.46 26.26 -38.62
CA GLU B 17 13.35 27.56 -37.99
C GLU B 17 13.58 27.48 -36.49
N GLN B 18 13.03 26.44 -35.86
CA GLN B 18 13.23 26.25 -34.42
C GLN B 18 14.69 25.97 -34.10
N LEU B 19 15.36 25.16 -34.94
CA LEU B 19 16.78 24.88 -34.74
C LEU B 19 17.61 26.15 -34.91
N LYS B 20 17.27 26.98 -35.89
CA LYS B 20 17.99 28.24 -36.08
C LYS B 20 17.78 29.20 -34.91
N MET B 21 16.54 29.27 -34.41
CA MET B 21 16.24 30.16 -33.28
C MET B 21 16.94 29.68 -32.01
N GLU B 22 16.98 28.37 -31.79
CA GLU B 22 17.64 27.84 -30.61
C GLU B 22 19.15 27.99 -30.67
N ALA B 23 19.73 27.88 -31.86
CA ALA B 23 21.17 28.03 -32.00
C ALA B 23 21.61 29.49 -31.89
N ASN B 24 20.76 30.41 -32.32
CA ASN B 24 21.09 31.84 -32.29
C ASN B 24 20.73 32.46 -30.94
N ILE B 25 21.43 31.99 -29.90
CA ILE B 25 21.27 32.48 -28.55
C ILE B 25 22.64 32.86 -28.00
N ASP B 26 22.66 33.27 -26.73
CA ASP B 26 23.89 33.66 -26.05
C ASP B 26 24.31 32.54 -25.11
N ARG B 27 25.55 32.07 -25.25
CA ARG B 27 26.10 31.02 -24.41
C ARG B 27 27.32 31.55 -23.67
N ILE B 28 27.43 31.18 -22.40
CA ILE B 28 28.54 31.60 -21.55
C ILE B 28 29.37 30.36 -21.25
N LYS B 29 30.65 30.59 -20.94
CA LYS B 29 31.62 29.53 -20.78
C LYS B 29 31.26 28.60 -19.62
N VAL B 30 31.89 27.42 -19.62
CA VAL B 30 31.65 26.40 -18.60
C VAL B 30 32.10 26.87 -17.23
N SER B 31 33.17 27.66 -17.18
CA SER B 31 33.72 28.13 -15.90
C SER B 31 32.71 28.97 -15.15
N LYS B 32 31.97 29.83 -15.85
CA LYS B 32 30.97 30.67 -15.20
C LYS B 32 29.86 29.83 -14.58
N ALA B 33 29.37 28.84 -15.30
CA ALA B 33 28.30 27.97 -14.79
C ALA B 33 28.77 27.15 -13.59
N ALA B 34 29.98 26.58 -13.69
CA ALA B 34 30.51 25.78 -12.59
C ALA B 34 30.75 26.65 -11.36
N ALA B 35 31.26 27.86 -11.56
CA ALA B 35 31.46 28.78 -10.44
C ALA B 35 30.13 29.19 -9.82
N ASP B 36 29.08 29.35 -10.64
CA ASP B 36 27.77 29.69 -10.10
C ASP B 36 27.21 28.56 -9.24
N LEU B 37 27.32 27.31 -9.72
CA LEU B 37 26.83 26.18 -8.93
C LEU B 37 27.64 26.01 -7.64
N MET B 38 28.97 26.17 -7.72
CA MET B 38 29.79 26.08 -6.51
C MET B 38 29.45 27.19 -5.52
N ALA B 39 29.22 28.41 -6.03
CA ALA B 39 28.87 29.53 -5.15
C ALA B 39 27.53 29.30 -4.48
N TYR B 40 26.54 28.78 -5.21
CA TYR B 40 25.27 28.47 -4.58
C TYR B 40 25.38 27.34 -3.57
N CYS B 41 26.28 26.37 -3.83
CA CYS B 41 26.45 25.27 -2.88
C CYS B 41 27.15 25.73 -1.60
N GLU B 42 28.11 26.65 -1.70
CA GLU B 42 28.73 27.17 -0.48
C GLU B 42 27.81 28.12 0.26
N ALA B 43 27.04 28.92 -0.48
CA ALA B 43 26.22 29.96 0.15
C ALA B 43 25.05 29.37 0.93
N HIS B 44 24.67 28.12 0.69
CA HIS B 44 23.57 27.48 1.41
C HIS B 44 24.00 26.19 2.07
N ALA B 45 25.31 26.00 2.27
CA ALA B 45 25.80 24.77 2.90
C ALA B 45 25.37 24.68 4.35
N LYS B 46 25.35 25.81 5.06
CA LYS B 46 24.97 25.79 6.46
C LYS B 46 23.47 25.57 6.65
N GLU B 47 22.67 25.74 5.61
CA GLU B 47 21.23 25.57 5.69
C GLU B 47 20.77 24.21 5.20
N ASP B 48 21.69 23.31 4.88
CA ASP B 48 21.35 21.96 4.41
C ASP B 48 21.71 20.94 5.48
N PRO B 49 20.73 20.40 6.21
CA PRO B 49 21.07 19.45 7.29
C PRO B 49 21.46 18.07 6.79
N LEU B 50 21.11 17.69 5.56
CA LEU B 50 21.54 16.41 5.03
C LEU B 50 23.00 16.42 4.61
N LEU B 51 23.59 17.60 4.40
CA LEU B 51 24.96 17.74 3.96
C LEU B 51 25.94 17.28 5.04
N ASN B 59 16.53 17.19 15.15
CA ASN B 59 15.75 16.76 14.00
C ASN B 59 14.29 16.63 14.35
N PRO B 60 13.40 17.05 13.43
CA PRO B 60 11.96 16.89 13.67
C PRO B 60 11.49 15.46 13.76
N PHE B 61 12.27 14.51 13.25
CA PHE B 61 11.90 13.10 13.30
C PHE B 61 12.73 12.35 14.33
N VAL C 2 -24.38 23.86 5.29
CA VAL C 2 -24.29 23.32 6.64
C VAL C 2 -25.46 23.80 7.47
N GLN C 3 -26.16 22.88 8.11
CA GLN C 3 -27.35 23.21 8.88
C GLN C 3 -27.51 22.19 10.00
N LEU C 4 -27.28 22.64 11.23
CA LEU C 4 -27.53 21.83 12.42
C LEU C 4 -28.76 22.41 13.11
N VAL C 5 -29.83 21.63 13.15
CA VAL C 5 -31.13 22.09 13.64
C VAL C 5 -31.45 21.35 14.93
N GLU C 6 -31.71 22.11 15.99
CA GLU C 6 -32.08 21.56 17.29
C GLU C 6 -33.57 21.29 17.37
N SER C 7 -33.95 20.33 18.19
CA SER C 7 -35.35 20.04 18.42
C SER C 7 -35.52 19.42 19.81
N GLY C 8 -36.69 19.64 20.38
CA GLY C 8 -36.99 19.23 21.73
C GLY C 8 -36.74 20.34 22.74
N GLY C 9 -37.26 20.14 23.94
CA GLY C 9 -37.09 21.13 25.00
C GLY C 9 -38.38 21.51 25.67
N GLY C 10 -38.67 22.82 25.71
CA GLY C 10 -39.90 23.28 26.32
C GLY C 10 -39.84 23.27 27.83
N LEU C 11 -41.01 23.28 28.44
CA LEU C 11 -41.16 23.28 29.88
C LEU C 11 -41.40 21.87 30.37
N VAL C 12 -40.61 21.44 31.37
CA VAL C 12 -40.73 20.12 31.96
C VAL C 12 -40.87 20.26 33.47
N GLN C 13 -41.38 19.19 34.09
CA GLN C 13 -41.44 19.03 35.53
C GLN C 13 -40.14 18.41 36.04
N PRO C 14 -39.72 18.75 37.26
CA PRO C 14 -38.51 18.12 37.82
C PRO C 14 -38.70 16.64 38.04
N GLY C 15 -37.61 15.90 37.86
CA GLY C 15 -37.65 14.46 37.91
C GLY C 15 -38.05 13.77 36.63
N GLY C 16 -38.35 14.53 35.57
CA GLY C 16 -38.69 13.96 34.29
C GLY C 16 -37.46 13.74 33.40
N SER C 17 -37.73 13.31 32.17
CA SER C 17 -36.69 13.02 31.20
C SER C 17 -37.06 13.66 29.86
N ARG C 18 -36.06 14.22 29.19
CA ARG C 18 -36.26 14.87 27.90
C ARG C 18 -35.17 14.41 26.93
N LYS C 19 -35.57 14.19 25.68
CA LYS C 19 -34.69 13.68 24.63
C LYS C 19 -34.47 14.77 23.59
N LEU C 20 -33.40 15.54 23.77
CA LEU C 20 -33.03 16.55 22.78
C LEU C 20 -32.49 15.88 21.53
N SER C 21 -32.86 16.40 20.37
CA SER C 21 -32.42 15.84 19.10
C SER C 21 -31.78 16.94 18.25
N CYS C 22 -30.86 16.53 17.38
CA CYS C 22 -30.22 17.44 16.45
C CYS C 22 -30.15 16.80 15.08
N SER C 23 -30.68 17.47 14.07
CA SER C 23 -30.63 17.01 12.70
C SER C 23 -29.53 17.75 11.97
N ALA C 24 -28.61 17.00 11.36
CA ALA C 24 -27.46 17.56 10.66
C ALA C 24 -27.67 17.39 9.17
N SER C 25 -27.42 18.45 8.41
CA SER C 25 -27.52 18.40 6.96
C SER C 25 -26.45 19.29 6.35
N GLY C 26 -26.09 18.99 5.10
CA GLY C 26 -25.15 19.80 4.36
C GLY C 26 -23.68 19.47 4.56
N PHE C 27 -23.36 18.41 5.31
CA PHE C 27 -21.97 18.04 5.53
C PHE C 27 -21.91 16.55 5.84
N ALA C 28 -20.69 16.01 5.76
CA ALA C 28 -20.45 14.59 6.03
C ALA C 28 -20.49 14.37 7.53
N PHE C 29 -21.68 14.03 8.03
CA PHE C 29 -21.90 13.92 9.47
C PHE C 29 -21.10 12.78 10.10
N SER C 30 -20.81 11.73 9.33
CA SER C 30 -20.15 10.55 9.87
C SER C 30 -18.68 10.77 10.19
N SER C 31 -18.07 11.87 9.74
CA SER C 31 -16.67 12.13 9.97
C SER C 31 -16.43 13.29 10.93
N PHE C 32 -17.46 13.72 11.65
CA PHE C 32 -17.39 14.86 12.54
C PHE C 32 -17.66 14.45 13.97
N GLY C 33 -16.83 14.93 14.89
CA GLY C 33 -17.14 14.84 16.30
C GLY C 33 -18.19 15.87 16.69
N MET C 34 -19.07 15.47 17.60
CA MET C 34 -20.20 16.29 18.02
C MET C 34 -20.05 16.67 19.49
N HIS C 35 -20.44 17.90 19.80
CA HIS C 35 -20.45 18.39 21.17
C HIS C 35 -21.84 18.92 21.52
N TRP C 36 -22.22 18.75 22.78
CA TRP C 36 -23.38 19.42 23.36
C TRP C 36 -22.86 20.42 24.38
N VAL C 37 -23.24 21.69 24.22
CA VAL C 37 -22.79 22.78 25.07
C VAL C 37 -24.02 23.55 25.56
N ARG C 38 -24.13 23.73 26.87
CA ARG C 38 -25.27 24.45 27.44
C ARG C 38 -24.94 25.92 27.66
N GLN C 39 -25.99 26.71 27.85
CA GLN C 39 -25.83 28.10 28.26
C GLN C 39 -26.96 28.49 29.18
N ALA C 40 -26.62 29.09 30.32
CA ALA C 40 -27.60 29.58 31.27
C ALA C 40 -28.34 30.78 30.70
N PRO C 41 -29.55 31.07 31.20
CA PRO C 41 -30.32 32.20 30.65
C PRO C 41 -29.67 33.55 30.85
N GLU C 42 -28.74 33.69 31.80
CA GLU C 42 -28.09 34.98 32.01
C GLU C 42 -26.58 34.87 32.22
N LYS C 43 -26.01 33.67 32.09
CA LYS C 43 -24.58 33.46 32.33
C LYS C 43 -23.89 32.97 31.07
N GLY C 44 -22.63 32.59 31.20
CA GLY C 44 -21.82 32.16 30.08
C GLY C 44 -22.08 30.71 29.70
N LEU C 45 -21.30 30.25 28.72
CA LEU C 45 -21.47 28.92 28.18
C LEU C 45 -20.85 27.87 29.08
N GLU C 46 -21.28 26.62 28.91
CA GLU C 46 -20.78 25.51 29.70
C GLU C 46 -20.94 24.22 28.89
N TRP C 47 -19.89 23.41 28.87
CA TRP C 47 -19.88 22.19 28.07
C TRP C 47 -20.61 21.07 28.78
N VAL C 48 -21.35 20.27 28.01
CA VAL C 48 -22.17 19.19 28.55
C VAL C 48 -21.63 17.83 28.15
N ALA C 49 -21.45 17.58 26.85
CA ALA C 49 -21.09 16.24 26.42
C ALA C 49 -20.30 16.29 25.12
N TYR C 50 -19.59 15.20 24.85
CA TYR C 50 -18.79 15.05 23.64
C TYR C 50 -18.87 13.61 23.15
N ILE C 51 -19.21 13.42 21.89
CA ILE C 51 -19.12 12.13 21.22
C ILE C 51 -18.22 12.29 19.99
N SER C 52 -17.45 11.27 19.68
CA SER C 52 -16.51 11.32 18.57
C SER C 52 -17.02 10.46 17.42
N SER C 53 -16.32 10.56 16.28
CA SER C 53 -16.68 9.79 15.10
C SER C 53 -16.44 8.31 15.35
N GLY C 54 -17.39 7.49 14.91
CA GLY C 54 -17.35 6.07 15.18
C GLY C 54 -17.90 5.66 16.53
N SER C 55 -18.40 6.62 17.32
CA SER C 55 -18.97 6.38 18.64
C SER C 55 -17.97 5.71 19.58
N GLY C 56 -16.69 6.07 19.44
CA GLY C 56 -15.65 5.45 20.22
C GLY C 56 -15.39 6.10 21.55
N THR C 57 -15.06 7.39 21.54
CA THR C 57 -14.71 8.13 22.74
C THR C 57 -15.87 9.03 23.12
N ILE C 58 -16.37 8.87 24.35
CA ILE C 58 -17.48 9.65 24.86
C ILE C 58 -17.08 10.27 26.18
N TYR C 59 -17.23 11.59 26.28
CA TYR C 59 -16.90 12.33 27.50
C TYR C 59 -18.12 13.08 27.98
N TYR C 60 -18.32 13.12 29.29
CA TYR C 60 -19.43 13.80 29.91
C TYR C 60 -18.93 14.86 30.88
N ALA C 61 -19.77 15.88 31.11
CA ALA C 61 -19.43 16.90 32.09
C ALA C 61 -19.60 16.35 33.50
N ASP C 62 -18.68 16.72 34.38
CA ASP C 62 -18.68 16.18 35.74
C ASP C 62 -19.92 16.61 36.52
N THR C 63 -20.48 17.78 36.19
CA THR C 63 -21.66 18.26 36.88
C THR C 63 -22.94 17.53 36.49
N VAL C 64 -22.92 16.80 35.37
CA VAL C 64 -24.11 16.08 34.91
C VAL C 64 -23.75 14.64 34.52
N LYS C 65 -22.57 14.17 34.94
CA LYS C 65 -22.15 12.82 34.58
C LYS C 65 -23.01 11.77 35.27
N GLY C 66 -23.37 10.74 34.53
CA GLY C 66 -24.09 9.61 35.06
C GLY C 66 -25.59 9.67 34.89
N ARG C 67 -26.15 10.86 34.69
CA ARG C 67 -27.58 11.00 34.45
C ARG C 67 -27.90 11.45 33.03
N PHE C 68 -26.90 11.83 32.24
CA PHE C 68 -27.07 12.27 30.87
C PHE C 68 -26.45 11.25 29.93
N THR C 69 -27.12 10.96 28.82
CA THR C 69 -26.59 10.06 27.81
C THR C 69 -26.52 10.76 26.47
N ILE C 70 -25.43 10.53 25.74
CA ILE C 70 -25.22 11.11 24.42
C ILE C 70 -25.11 9.97 23.40
N SER C 71 -25.67 10.16 22.22
CA SER C 71 -25.68 9.12 21.21
C SER C 71 -25.86 9.75 19.83
N ARG C 72 -25.68 8.93 18.80
CA ARG C 72 -25.80 9.40 17.43
C ARG C 72 -26.27 8.28 16.53
N ASP C 73 -26.80 8.65 15.37
CA ASP C 73 -27.19 7.72 14.32
C ASP C 73 -26.77 8.31 12.99
N ASP C 74 -25.74 7.73 12.38
CA ASP C 74 -25.17 8.23 11.13
C ASP C 74 -26.01 7.91 9.90
N PRO C 75 -26.63 6.72 9.77
CA PRO C 75 -27.60 6.55 8.68
C PRO C 75 -28.76 7.54 8.73
N LYS C 76 -29.22 7.89 9.92
CA LYS C 76 -30.28 8.88 10.06
C LYS C 76 -29.75 10.30 10.20
N ASN C 77 -28.44 10.46 10.37
CA ASN C 77 -27.78 11.77 10.53
C ASN C 77 -28.41 12.57 11.67
N THR C 78 -28.53 11.95 12.83
CA THR C 78 -29.18 12.61 13.96
C THR C 78 -28.40 12.37 15.24
N LEU C 79 -28.11 13.45 15.96
CA LEU C 79 -27.51 13.41 17.27
C LEU C 79 -28.60 13.44 18.34
N PHE C 80 -28.33 12.79 19.47
CA PHE C 80 -29.32 12.65 20.53
C PHE C 80 -28.67 12.87 21.90
N LEU C 81 -29.39 13.57 22.77
CA LEU C 81 -29.00 13.70 24.17
C LEU C 81 -30.23 13.43 25.04
N GLN C 82 -30.20 12.33 25.78
CA GLN C 82 -31.27 11.99 26.70
C GLN C 82 -30.88 12.42 28.11
N MET C 83 -31.80 13.09 28.80
CA MET C 83 -31.53 13.65 30.12
C MET C 83 -32.61 13.17 31.08
N THR C 84 -32.20 12.52 32.16
CA THR C 84 -33.12 12.02 33.17
C THR C 84 -32.79 12.66 34.52
N SER C 85 -33.81 12.68 35.39
CA SER C 85 -33.74 13.34 36.70
C SER C 85 -33.36 14.82 36.54
N LEU C 86 -34.24 15.56 35.87
CA LEU C 86 -33.97 16.95 35.56
C LEU C 86 -34.07 17.81 36.80
N ARG C 87 -33.10 18.69 36.99
CA ARG C 87 -32.97 19.54 38.16
C ARG C 87 -33.24 21.00 37.79
N SER C 88 -33.09 21.88 38.78
CA SER C 88 -33.32 23.30 38.54
C SER C 88 -32.21 23.93 37.73
N GLU C 89 -30.98 23.40 37.84
CA GLU C 89 -29.88 23.92 37.06
C GLU C 89 -29.94 23.50 35.60
N ASP C 90 -30.71 22.46 35.28
CA ASP C 90 -30.86 22.02 33.90
C ASP C 90 -31.68 22.98 33.06
N THR C 91 -32.31 23.98 33.68
CA THR C 91 -32.95 25.06 32.92
C THR C 91 -31.87 25.85 32.21
N ALA C 92 -31.78 25.67 30.90
CA ALA C 92 -30.73 26.28 30.08
C ALA C 92 -31.13 26.09 28.62
N MET C 93 -30.31 26.64 27.73
CA MET C 93 -30.55 26.50 26.30
C MET C 93 -29.29 25.89 25.67
N TYR C 94 -29.50 24.82 24.89
CA TYR C 94 -28.46 23.88 24.52
C TYR C 94 -28.08 24.04 23.05
N TYR C 95 -26.82 23.69 22.76
CA TYR C 95 -26.16 23.89 21.48
C TYR C 95 -25.53 22.59 21.02
N CYS C 96 -25.64 22.31 19.72
CA CYS C 96 -24.86 21.26 19.07
C CYS C 96 -23.72 21.88 18.31
N VAL C 97 -22.53 21.31 18.45
CA VAL C 97 -21.31 21.89 17.93
C VAL C 97 -20.60 20.86 17.06
N ARG C 98 -20.29 21.27 15.83
CA ARG C 98 -19.46 20.49 14.92
C ARG C 98 -18.00 20.65 15.28
N SER C 99 -17.24 19.56 15.21
CA SER C 99 -15.81 19.65 15.40
C SER C 99 -15.13 18.55 14.59
N ILE C 100 -13.90 18.80 14.16
CA ILE C 100 -13.15 17.80 13.41
C ILE C 100 -11.68 17.94 13.79
N TYR C 101 -10.99 16.80 13.87
CA TYR C 101 -9.66 16.74 14.47
C TYR C 101 -8.69 16.02 13.53
N TYR C 102 -7.90 16.79 12.81
CA TYR C 102 -6.70 16.30 12.15
C TYR C 102 -5.71 17.46 12.11
N TYR C 103 -4.62 17.29 11.39
CA TYR C 103 -3.61 18.34 11.34
C TYR C 103 -4.14 19.53 10.53
N GLY C 104 -4.23 20.68 11.18
CA GLY C 104 -4.76 21.87 10.54
C GLY C 104 -6.26 21.98 10.52
N SER C 105 -6.97 21.15 11.26
CA SER C 105 -8.42 21.19 11.28
C SER C 105 -8.91 22.36 12.14
N SER C 106 -10.22 22.60 12.08
CA SER C 106 -10.86 23.71 12.78
C SER C 106 -12.03 23.17 13.59
N PRO C 107 -11.77 22.64 14.78
CA PRO C 107 -12.87 22.16 15.62
C PRO C 107 -13.66 23.32 16.20
N PHE C 108 -14.92 23.03 16.56
CA PHE C 108 -15.88 24.01 17.06
C PHE C 108 -16.18 25.09 16.03
N ASP C 109 -16.08 24.75 14.74
CA ASP C 109 -16.21 25.76 13.68
C ASP C 109 -17.66 26.18 13.49
N PHE C 110 -18.58 25.23 13.50
CA PHE C 110 -19.99 25.53 13.25
C PHE C 110 -20.80 25.19 14.49
N TRP C 111 -21.66 26.13 14.89
CA TRP C 111 -22.57 25.96 16.02
C TRP C 111 -24.00 26.03 15.51
N GLY C 112 -24.82 25.12 15.96
CA GLY C 112 -26.21 25.12 15.54
C GLY C 112 -27.04 26.15 16.28
N GLN C 113 -28.28 26.31 15.80
CA GLN C 113 -29.27 27.14 16.48
C GLN C 113 -29.87 26.32 17.61
N GLY C 114 -29.62 26.73 18.84
CA GLY C 114 -29.92 25.91 20.00
C GLY C 114 -31.40 25.79 20.32
N THR C 115 -31.68 25.05 21.39
CA THR C 115 -33.04 24.81 21.85
C THR C 115 -33.14 25.03 23.36
N THR C 116 -34.30 25.49 23.80
CA THR C 116 -34.52 25.92 25.18
C THR C 116 -35.19 24.81 25.99
N LEU C 117 -34.75 24.65 27.24
CA LEU C 117 -35.37 23.69 28.15
C LEU C 117 -35.45 24.34 29.53
N THR C 118 -36.66 24.42 30.07
CA THR C 118 -36.92 25.05 31.37
C THR C 118 -37.55 24.06 32.32
N VAL C 119 -36.97 23.91 33.49
CA VAL C 119 -37.46 23.01 34.54
C VAL C 119 -38.08 23.86 35.64
N SER C 120 -39.35 23.59 35.93
CA SER C 120 -40.08 24.36 36.94
C SER C 120 -39.84 23.80 38.34
N SER C 136 -9.99 17.17 38.85
CA SER C 136 -8.85 17.85 38.27
C SER C 136 -9.27 18.72 37.08
N ASP C 137 -10.23 19.61 37.31
CA ASP C 137 -10.73 20.50 36.28
C ASP C 137 -9.79 21.70 36.13
N ILE C 138 -10.15 22.62 35.25
CA ILE C 138 -9.35 23.80 34.98
C ILE C 138 -10.26 25.03 35.04
N VAL C 139 -9.78 26.07 35.73
CA VAL C 139 -10.53 27.31 35.90
C VAL C 139 -10.19 28.24 34.74
N MET C 140 -11.22 28.70 34.03
CA MET C 140 -11.04 29.54 32.85
C MET C 140 -11.88 30.80 33.09
N THR C 141 -11.23 31.90 33.45
CA THR C 141 -11.91 33.13 33.83
C THR C 141 -11.32 34.32 33.08
N GLN C 142 -12.19 35.25 32.72
CA GLN C 142 -11.79 36.51 32.10
C GLN C 142 -11.91 37.62 33.14
N ALA C 143 -10.82 38.37 33.34
CA ALA C 143 -10.78 39.41 34.36
C ALA C 143 -11.67 40.60 34.05
N THR C 144 -12.16 40.73 32.82
CA THR C 144 -13.00 41.84 32.41
C THR C 144 -14.41 41.33 32.10
N SER C 145 -15.42 42.05 32.60
CA SER C 145 -16.80 41.68 32.39
C SER C 145 -17.50 42.51 31.30
N SER C 146 -17.14 43.79 31.17
CA SER C 146 -17.79 44.65 30.19
C SER C 146 -16.84 45.78 29.80
N VAL C 147 -16.76 46.04 28.49
CA VAL C 147 -16.00 47.16 27.97
C VAL C 147 -16.93 47.98 27.09
N PRO C 148 -17.16 49.26 27.39
CA PRO C 148 -18.02 50.10 26.53
C PRO C 148 -17.24 50.62 25.34
N VAL C 149 -17.64 50.20 24.15
CA VAL C 149 -16.98 50.63 22.91
C VAL C 149 -17.94 50.48 21.73
N PRO C 151 -17.27 52.82 17.52
CA PRO C 151 -16.59 52.14 16.41
C PRO C 151 -15.39 52.91 15.89
N GLY C 152 -14.61 52.28 15.02
CA GLY C 152 -13.43 52.89 14.46
C GLY C 152 -12.20 52.81 15.33
N GLU C 153 -12.29 52.19 16.50
CA GLU C 153 -11.17 52.06 17.42
C GLU C 153 -10.65 50.62 17.40
N SER C 154 -9.64 50.36 18.22
CA SER C 154 -9.07 49.03 18.37
C SER C 154 -9.21 48.60 19.82
N VAL C 155 -9.71 47.38 20.04
CA VAL C 155 -9.88 46.86 21.38
C VAL C 155 -8.97 45.65 21.57
N SER C 156 -8.62 45.41 22.83
CA SER C 156 -7.78 44.29 23.23
C SER C 156 -8.40 43.64 24.44
N ILE C 157 -8.69 42.34 24.34
CA ILE C 157 -9.45 41.61 25.35
C ILE C 157 -8.62 40.44 25.86
N SER C 158 -8.50 40.32 27.18
CA SER C 158 -7.62 39.35 27.80
C SER C 158 -8.39 38.16 28.35
N CYS C 159 -7.74 37.00 28.35
CA CYS C 159 -8.26 35.78 28.95
C CYS C 159 -7.12 35.11 29.72
N ARG C 160 -7.45 34.55 30.87
CA ARG C 160 -6.47 33.93 31.75
C ARG C 160 -6.90 32.50 32.07
N SER C 161 -5.90 31.64 32.26
CA SER C 161 -6.11 30.23 32.56
C SER C 161 -5.37 29.85 33.84
N SER C 162 -5.79 28.74 34.44
CA SER C 162 -5.12 28.22 35.62
C SER C 162 -3.97 27.28 35.29
N LYS C 163 -3.80 26.92 34.01
CA LYS C 163 -2.71 26.06 33.57
C LYS C 163 -2.18 26.58 32.25
N SER C 164 -0.92 26.30 31.97
CA SER C 164 -0.33 26.69 30.70
C SER C 164 -0.94 25.87 29.57
N LEU C 165 -1.39 26.54 28.52
CA LEU C 165 -2.06 25.88 27.41
C LEU C 165 -1.12 25.53 26.27
N LEU C 166 0.18 25.79 26.40
CA LEU C 166 1.14 25.47 25.37
C LEU C 166 1.64 24.04 25.59
N HIS C 167 1.24 23.13 24.70
CA HIS C 167 1.68 21.75 24.80
C HIS C 167 3.06 21.66 24.12
N SER C 168 3.73 20.52 24.25
CA SER C 168 5.11 20.38 23.81
C SER C 168 5.27 20.40 22.30
N ASN C 169 4.19 20.28 21.53
CA ASN C 169 4.27 20.29 20.07
C ASN C 169 4.08 21.69 19.49
N GLY C 170 4.24 22.73 20.31
CA GLY C 170 4.10 24.10 19.83
C GLY C 170 2.68 24.55 19.61
N ASN C 171 1.70 23.81 20.10
CA ASN C 171 0.29 24.11 19.87
C ASN C 171 -0.36 24.60 21.16
N THR C 172 -0.91 25.81 21.13
CA THR C 172 -1.72 26.33 22.20
C THR C 172 -3.18 26.08 21.87
N TYR C 173 -3.99 25.81 22.90
CA TYR C 173 -5.33 25.30 22.69
C TYR C 173 -6.41 26.23 23.25
N LEU C 174 -6.31 27.51 22.96
CA LEU C 174 -7.33 28.49 23.32
C LEU C 174 -8.11 28.90 22.07
N TYR C 175 -9.44 28.80 22.14
CA TYR C 175 -10.31 29.15 21.03
C TYR C 175 -11.12 30.37 21.41
N TRP C 176 -11.21 31.32 20.48
CA TRP C 176 -11.91 32.59 20.67
C TRP C 176 -13.22 32.56 19.88
N PHE C 177 -14.33 32.74 20.62
CA PHE C 177 -15.69 32.74 20.10
C PHE C 177 -16.36 34.08 20.33
N LEU C 178 -17.39 34.38 19.52
CA LEU C 178 -18.18 35.62 19.64
C LEU C 178 -19.64 35.22 19.63
N GLN C 179 -20.46 35.83 20.47
CA GLN C 179 -21.90 35.58 20.54
C GLN C 179 -22.61 36.91 20.38
N ARG C 180 -23.29 37.09 19.26
CA ARG C 180 -24.06 38.27 18.95
C ARG C 180 -25.39 38.25 19.70
N PRO C 181 -26.05 39.41 19.86
CA PRO C 181 -27.32 39.44 20.60
C PRO C 181 -28.47 38.80 19.85
N GLY C 182 -28.59 37.48 19.95
CA GLY C 182 -29.68 36.76 19.32
C GLY C 182 -29.19 35.78 18.28
N GLN C 183 -27.90 35.44 18.35
CA GLN C 183 -27.26 34.58 17.37
C GLN C 183 -26.49 33.47 18.06
N SER C 184 -26.37 32.34 17.37
CA SER C 184 -25.56 31.24 17.86
C SER C 184 -24.09 31.65 17.87
N PRO C 185 -23.29 31.06 18.76
CA PRO C 185 -21.87 31.43 18.82
C PRO C 185 -21.13 31.05 17.55
N GLN C 186 -20.11 31.85 17.23
CA GLN C 186 -19.32 31.64 16.04
C GLN C 186 -17.84 31.63 16.42
N LEU C 187 -17.06 30.84 15.69
CA LEU C 187 -15.63 30.74 15.96
C LEU C 187 -14.90 31.82 15.18
N LEU C 188 -14.08 32.59 15.90
CA LEU C 188 -13.16 33.54 15.31
C LEU C 188 -11.76 32.99 15.19
N ILE C 189 -11.22 32.44 16.28
CA ILE C 189 -9.85 31.96 16.26
C ILE C 189 -9.76 30.58 16.90
N TYR C 190 -9.03 29.68 16.23
CA TYR C 190 -8.67 28.39 16.78
C TYR C 190 -7.16 28.34 16.97
N ARG C 191 -6.73 27.78 18.10
CA ARG C 191 -5.33 27.50 18.39
C ARG C 191 -4.43 28.74 18.34
N MET C 192 -4.80 29.78 19.10
CA MET C 192 -3.92 30.91 19.38
C MET C 192 -3.47 31.65 18.11
N SER C 193 -4.36 32.48 17.57
CA SER C 193 -4.09 33.38 16.42
C SER C 193 -3.99 32.61 15.10
N ASN C 194 -4.93 31.71 14.88
CA ASN C 194 -5.19 31.14 13.55
C ASN C 194 -6.65 31.41 13.22
N LEU C 195 -6.88 32.24 12.20
CA LEU C 195 -8.22 32.66 11.84
C LEU C 195 -8.99 31.53 11.15
N ALA C 196 -10.30 31.71 11.06
CA ALA C 196 -11.21 30.72 10.51
C ALA C 196 -11.78 31.20 9.18
N SER C 197 -12.62 30.36 8.59
CA SER C 197 -13.28 30.72 7.33
C SER C 197 -14.38 31.75 7.58
N GLY C 198 -14.51 32.68 6.65
CA GLY C 198 -15.53 33.70 6.76
C GLY C 198 -15.35 34.69 7.88
N VAL C 199 -14.11 35.04 8.20
CA VAL C 199 -13.82 35.97 9.29
C VAL C 199 -12.90 37.07 8.75
N PRO C 200 -13.20 38.34 9.01
CA PRO C 200 -12.33 39.42 8.52
C PRO C 200 -10.94 39.35 9.14
N ASP C 201 -9.97 39.86 8.38
CA ASP C 201 -8.58 39.83 8.80
C ASP C 201 -8.26 40.83 9.91
N ARG C 202 -9.21 41.70 10.27
CA ARG C 202 -8.95 42.68 11.32
C ARG C 202 -8.81 42.01 12.69
N PHE C 203 -9.46 40.86 12.90
CA PHE C 203 -9.30 40.14 14.14
C PHE C 203 -7.94 39.46 14.20
N SER C 204 -7.37 39.38 15.40
CA SER C 204 -6.08 38.74 15.59
C SER C 204 -5.97 38.23 17.02
N GLY C 205 -5.02 37.33 17.24
CA GLY C 205 -4.76 36.80 18.55
C GLY C 205 -3.29 36.87 18.89
N SER C 206 -3.01 36.71 20.18
CA SER C 206 -1.64 36.70 20.67
C SER C 206 -1.66 36.18 22.12
N GLY C 207 -0.47 35.98 22.66
CA GLY C 207 -0.31 35.69 24.07
C GLY C 207 0.58 34.49 24.30
N SER C 208 0.71 34.16 25.59
CA SER C 208 1.50 33.01 26.02
C SER C 208 0.75 32.34 27.16
N GLY C 209 1.44 31.46 27.88
CA GLY C 209 0.85 30.65 28.93
C GLY C 209 0.08 31.44 29.97
N THR C 210 -1.19 31.06 30.16
CA THR C 210 -2.12 31.68 31.10
C THR C 210 -2.34 33.16 30.85
N ALA C 211 -2.05 33.67 29.65
CA ALA C 211 -2.25 35.09 29.37
C ALA C 211 -2.44 35.27 27.87
N PHE C 212 -3.69 35.45 27.43
CA PHE C 212 -4.00 35.53 26.02
C PHE C 212 -4.73 36.83 25.73
N THR C 213 -4.47 37.38 24.53
CA THR C 213 -5.10 38.63 24.09
C THR C 213 -5.73 38.44 22.72
N LEU C 214 -6.92 39.02 22.56
CA LEU C 214 -7.64 39.10 21.30
C LEU C 214 -7.68 40.57 20.88
N THR C 215 -7.18 40.86 19.68
CA THR C 215 -7.05 42.23 19.21
C THR C 215 -7.99 42.45 18.03
N ILE C 216 -8.84 43.46 18.15
CA ILE C 216 -9.72 43.88 17.06
C ILE C 216 -9.28 45.25 16.62
N SER C 217 -8.75 45.33 15.40
CA SER C 217 -8.28 46.59 14.83
C SER C 217 -9.36 47.16 13.91
N ARG C 218 -9.65 48.45 14.08
CA ARG C 218 -10.67 49.16 13.32
C ARG C 218 -12.03 48.49 13.48
N LEU C 219 -12.51 48.52 14.72
CA LEU C 219 -13.76 47.86 15.10
C LEU C 219 -14.93 48.46 14.36
N GLU C 220 -15.48 47.72 13.40
CA GLU C 220 -16.68 48.14 12.71
C GLU C 220 -17.91 47.66 13.49
N ALA C 221 -19.08 47.96 12.95
CA ALA C 221 -20.33 47.53 13.59
C ALA C 221 -20.49 46.02 13.43
N GLU C 222 -21.59 45.51 14.01
CA GLU C 222 -21.89 44.07 14.08
C GLU C 222 -20.75 43.33 14.78
N ASP C 223 -20.13 43.99 15.77
CA ASP C 223 -19.22 43.36 16.70
C ASP C 223 -19.70 43.48 18.14
N VAL C 224 -20.86 44.10 18.36
CA VAL C 224 -21.47 44.13 19.68
C VAL C 224 -21.90 42.73 20.09
N GLY C 225 -21.59 42.36 21.32
CA GLY C 225 -21.92 41.04 21.81
C GLY C 225 -20.93 40.62 22.87
N VAL C 226 -21.00 39.34 23.24
CA VAL C 226 -20.21 38.80 24.34
C VAL C 226 -19.21 37.79 23.78
N TYR C 227 -17.95 37.92 24.19
CA TYR C 227 -16.88 37.08 23.68
C TYR C 227 -16.51 36.03 24.73
N TYR C 228 -16.10 34.86 24.26
CA TYR C 228 -15.73 33.76 25.14
C TYR C 228 -14.42 33.13 24.69
N CYS C 229 -13.68 32.60 25.66
CA CYS C 229 -12.46 31.85 25.41
C CYS C 229 -12.64 30.44 25.98
N MET C 230 -12.35 29.44 25.16
CA MET C 230 -12.60 28.04 25.51
C MET C 230 -11.31 27.25 25.35
N GLN C 231 -11.09 26.28 26.23
CA GLN C 231 -9.85 25.52 26.23
C GLN C 231 -10.11 24.07 25.81
N HIS C 232 -9.18 23.52 25.03
CA HIS C 232 -9.29 22.16 24.51
C HIS C 232 -8.07 21.32 24.85
N LEU C 233 -7.30 21.73 25.88
CA LEU C 233 -6.08 21.00 26.23
C LEU C 233 -6.39 19.63 26.83
N GLU C 234 -7.37 19.56 27.72
CA GLU C 234 -7.73 18.31 28.36
C GLU C 234 -9.15 18.43 28.87
N TYR C 235 -9.92 17.36 28.72
CA TYR C 235 -11.31 17.38 29.14
C TYR C 235 -11.40 17.39 30.67
N PRO C 236 -12.44 18.02 31.25
CA PRO C 236 -13.61 18.67 30.64
C PRO C 236 -13.33 20.03 29.99
N LEU C 237 -14.25 20.45 29.12
CA LEU C 237 -14.15 21.73 28.43
C LEU C 237 -14.74 22.83 29.30
N THR C 238 -13.91 23.81 29.65
CA THR C 238 -14.31 24.90 30.53
C THR C 238 -14.24 26.21 29.77
N PHE C 239 -15.36 26.92 29.71
CA PHE C 239 -15.45 28.20 29.03
C PHE C 239 -14.99 29.32 29.97
N GLY C 240 -14.94 30.53 29.45
CA GLY C 240 -14.63 31.71 30.23
C GLY C 240 -15.88 32.33 30.84
N ALA C 241 -15.74 33.57 31.29
CA ALA C 241 -16.85 34.28 31.89
C ALA C 241 -17.66 35.05 30.85
N GLY C 242 -16.99 35.71 29.92
CA GLY C 242 -17.68 36.46 28.88
C GLY C 242 -17.39 37.95 28.93
N THR C 243 -16.65 38.45 27.95
CA THR C 243 -16.35 39.89 27.87
C THR C 243 -17.38 40.54 26.96
N LYS C 244 -18.20 41.43 27.53
CA LYS C 244 -19.29 42.04 26.79
C LYS C 244 -18.84 43.39 26.22
N LEU C 245 -19.03 43.55 24.91
CA LEU C 245 -18.73 44.79 24.20
C LEU C 245 -20.03 45.37 23.69
N GLU C 246 -20.31 46.61 24.07
CA GLU C 246 -21.52 47.31 23.67
C GLU C 246 -21.16 48.71 23.19
N LEU C 247 -21.98 49.25 22.30
CA LEU C 247 -21.75 50.58 21.75
C LEU C 247 -21.96 51.65 22.80
N LEU D 5 -0.34 12.90 24.71
CA LEU D 5 -1.42 12.93 23.75
C LEU D 5 -2.52 13.90 24.19
N SER D 6 -2.72 14.95 23.39
CA SER D 6 -3.81 15.87 23.63
C SER D 6 -5.14 15.23 23.24
N ALA D 7 -6.23 15.93 23.54
CA ALA D 7 -7.54 15.47 23.09
C ALA D 7 -7.64 15.49 21.57
N GLU D 8 -7.12 16.56 20.96
CA GLU D 8 -7.10 16.65 19.50
C GLU D 8 -6.22 15.57 18.89
N GLU D 9 -5.07 15.31 19.48
CA GLU D 9 -4.18 14.27 18.95
C GLU D 9 -4.78 12.88 19.13
N ARG D 10 -5.49 12.64 20.24
CA ARG D 10 -6.15 11.35 20.42
C ARG D 10 -7.27 11.15 19.41
N ALA D 11 -8.05 12.21 19.13
CA ALA D 11 -9.08 12.12 18.12
C ALA D 11 -8.49 11.94 16.72
N ALA D 12 -7.34 12.58 16.48
CA ALA D 12 -6.63 12.39 15.21
C ALA D 12 -6.15 10.95 15.06
N LEU D 13 -5.65 10.36 16.15
CA LEU D 13 -5.23 8.96 16.12
C LEU D 13 -6.41 8.04 15.87
N GLU D 14 -7.56 8.35 16.46
CA GLU D 14 -8.76 7.55 16.21
C GLU D 14 -9.20 7.65 14.75
N ARG D 15 -9.11 8.84 14.17
CA ARG D 15 -9.43 9.02 12.76
C ARG D 15 -8.46 8.24 11.88
N SER D 16 -7.16 8.26 12.21
CA SER D 16 -6.18 7.50 11.44
C SER D 16 -6.45 6.00 11.53
N LYS D 17 -6.85 5.52 12.72
CA LYS D 17 -7.17 4.11 12.87
C LYS D 17 -8.40 3.72 12.06
N ALA D 18 -9.41 4.59 12.03
CA ALA D 18 -10.59 4.33 11.20
C ALA D 18 -10.21 4.27 9.72
N ILE D 19 -9.32 5.18 9.28
CA ILE D 19 -8.85 5.18 7.91
C ILE D 19 -8.10 3.88 7.60
N GLU D 20 -7.25 3.42 8.54
CA GLU D 20 -6.51 2.19 8.34
C GLU D 20 -7.45 0.99 8.24
N LYS D 21 -8.49 0.96 9.07
CA LYS D 21 -9.47 -0.13 8.98
C LYS D 21 -10.19 -0.11 7.64
N ASN D 22 -10.54 1.07 7.14
CA ASN D 22 -11.16 1.17 5.83
C ASN D 22 -10.22 0.71 4.72
N LEU D 23 -8.94 1.07 4.81
CA LEU D 23 -7.97 0.62 3.81
C LEU D 23 -7.83 -0.90 3.81
N LYS D 24 -7.78 -1.50 5.01
CA LYS D 24 -7.67 -2.95 5.09
C LYS D 24 -8.90 -3.64 4.54
N GLU D 25 -10.09 -3.09 4.82
CA GLU D 25 -11.31 -3.67 4.28
C GLU D 25 -11.36 -3.57 2.76
N ASP D 26 -10.94 -2.43 2.21
CA ASP D 26 -10.93 -2.26 0.76
C ASP D 26 -9.93 -3.20 0.11
N GLY D 27 -8.75 -3.38 0.72
CA GLY D 27 -7.78 -4.32 0.19
C GLY D 27 -8.26 -5.75 0.26
N ILE D 28 -8.93 -6.12 1.34
CA ILE D 28 -9.50 -7.46 1.45
C ILE D 28 -10.54 -7.69 0.36
N SER D 29 -11.38 -6.69 0.10
CA SER D 29 -12.38 -6.82 -0.96
C SER D 29 -11.73 -6.90 -2.34
N ALA D 30 -10.66 -6.15 -2.56
CA ALA D 30 -10.03 -6.08 -3.87
C ALA D 30 -9.04 -7.20 -4.15
N ALA D 31 -8.63 -7.95 -3.12
CA ALA D 31 -7.69 -9.06 -3.35
C ALA D 31 -8.33 -10.22 -4.09
N LYS D 32 -9.66 -10.29 -4.16
CA LYS D 32 -10.34 -11.35 -4.86
C LYS D 32 -10.41 -11.11 -6.37
N ASP D 33 -10.16 -9.89 -6.82
CA ASP D 33 -10.31 -9.55 -8.23
C ASP D 33 -9.22 -10.21 -9.08
N VAL D 34 -9.54 -10.42 -10.35
CA VAL D 34 -8.64 -11.02 -11.33
C VAL D 34 -8.31 -9.97 -12.38
N LYS D 35 -7.02 -9.71 -12.57
CA LYS D 35 -6.57 -8.68 -13.50
C LYS D 35 -6.03 -9.34 -14.77
N LEU D 36 -6.71 -9.09 -15.89
CA LEU D 36 -6.30 -9.58 -17.20
C LEU D 36 -6.07 -8.38 -18.11
N LEU D 37 -4.95 -8.40 -18.84
CA LEU D 37 -4.63 -7.31 -19.75
C LEU D 37 -4.87 -7.75 -21.18
N LEU D 38 -5.63 -6.96 -21.93
CA LEU D 38 -6.14 -7.35 -23.24
C LEU D 38 -5.34 -6.66 -24.33
N LEU D 39 -4.80 -7.44 -25.26
CA LEU D 39 -3.88 -6.93 -26.28
C LEU D 39 -4.14 -7.60 -27.62
N GLY D 40 -3.78 -6.89 -28.68
CA GLY D 40 -3.91 -7.41 -30.02
C GLY D 40 -3.77 -6.35 -31.10
N ALA D 41 -4.58 -6.46 -32.14
CA ALA D 41 -4.58 -5.51 -33.25
C ALA D 41 -6.00 -5.03 -33.51
N GLY D 42 -6.12 -4.06 -34.40
CA GLY D 42 -7.41 -3.47 -34.70
C GLY D 42 -8.32 -4.31 -35.58
N GLU D 43 -7.80 -5.40 -36.16
CA GLU D 43 -8.58 -6.24 -37.06
C GLU D 43 -9.31 -7.31 -36.25
N SER D 44 -10.36 -6.86 -35.56
CA SER D 44 -11.28 -7.72 -34.80
C SER D 44 -10.55 -8.56 -33.75
N GLY D 45 -9.50 -8.01 -33.15
CA GLY D 45 -8.78 -8.71 -32.11
C GLY D 45 -9.13 -8.23 -30.72
N LYS D 46 -9.96 -7.21 -30.62
CA LYS D 46 -10.23 -6.72 -29.28
C LYS D 46 -11.72 -6.60 -28.98
N ASN D 47 -12.50 -6.09 -29.93
CA ASN D 47 -13.88 -5.73 -29.65
C ASN D 47 -14.76 -6.97 -29.54
N THR D 48 -14.45 -8.02 -30.30
CA THR D 48 -15.27 -9.22 -30.25
C THR D 48 -15.15 -9.93 -28.90
N ILE D 49 -13.93 -9.98 -28.33
CA ILE D 49 -13.80 -10.62 -27.03
C ILE D 49 -14.30 -9.71 -25.92
N VAL D 50 -14.18 -8.39 -26.08
CA VAL D 50 -14.79 -7.49 -25.08
C VAL D 50 -16.31 -7.66 -25.07
N LYS D 51 -16.92 -7.74 -26.24
CA LYS D 51 -18.37 -7.94 -26.32
C LYS D 51 -18.77 -9.32 -25.79
N GLN D 52 -18.01 -10.36 -26.13
CA GLN D 52 -18.32 -11.70 -25.67
C GLN D 52 -18.00 -11.92 -24.20
N MET D 53 -17.28 -11.00 -23.56
CA MET D 53 -17.06 -11.09 -22.12
C MET D 53 -18.35 -10.95 -21.32
N LYS D 54 -19.37 -10.32 -21.90
CA LYS D 54 -20.66 -10.17 -21.23
C LYS D 54 -21.71 -11.09 -21.84
N THR D 183 -11.21 7.09 -21.48
CA THR D 183 -10.72 7.27 -22.85
C THR D 183 -9.37 6.60 -23.04
N GLY D 184 -8.40 6.95 -22.18
CA GLY D 184 -7.07 6.38 -22.29
C GLY D 184 -7.03 4.89 -22.00
N ILE D 185 -7.79 4.45 -21.00
CA ILE D 185 -7.86 3.05 -20.62
C ILE D 185 -9.32 2.71 -20.34
N VAL D 186 -9.75 1.52 -20.75
CA VAL D 186 -11.12 1.07 -20.61
C VAL D 186 -11.16 -0.14 -19.71
N GLU D 187 -12.10 -0.15 -18.77
CA GLU D 187 -12.28 -1.23 -17.83
C GLU D 187 -13.50 -2.05 -18.23
N THR D 188 -13.36 -3.37 -18.22
CA THR D 188 -14.45 -4.29 -18.50
C THR D 188 -14.56 -5.22 -17.30
N HIS D 189 -15.41 -4.85 -16.35
CA HIS D 189 -15.62 -5.65 -15.14
C HIS D 189 -16.73 -6.65 -15.37
N PHE D 190 -16.53 -7.88 -14.91
CA PHE D 190 -17.65 -8.80 -14.72
C PHE D 190 -17.28 -9.80 -13.64
N THR D 191 -18.29 -10.54 -13.19
CA THR D 191 -18.11 -11.59 -12.19
C THR D 191 -18.56 -12.90 -12.82
N PHE D 192 -17.62 -13.80 -13.04
CA PHE D 192 -17.90 -15.12 -13.59
C PHE D 192 -17.56 -16.18 -12.55
N LYS D 193 -18.56 -16.98 -12.17
CA LYS D 193 -18.42 -18.10 -11.25
C LYS D 193 -17.71 -17.69 -9.96
N ASN D 194 -18.24 -16.62 -9.34
CA ASN D 194 -17.71 -16.05 -8.10
C ASN D 194 -16.24 -15.65 -8.24
N LEU D 195 -15.86 -15.18 -9.43
CA LEU D 195 -14.53 -14.66 -9.66
C LEU D 195 -14.65 -13.31 -10.36
N HIS D 196 -14.01 -12.29 -9.80
CA HIS D 196 -14.15 -10.93 -10.32
C HIS D 196 -13.08 -10.69 -11.39
N PHE D 197 -13.46 -10.89 -12.64
CA PHE D 197 -12.59 -10.56 -13.75
C PHE D 197 -12.72 -9.09 -14.10
N ARG D 198 -11.59 -8.46 -14.43
CA ARG D 198 -11.63 -7.12 -14.98
C ARG D 198 -10.58 -6.99 -16.07
N LEU D 199 -11.03 -6.61 -17.25
CA LEU D 199 -10.23 -6.61 -18.47
C LEU D 199 -9.84 -5.20 -18.85
N PHE D 200 -8.65 -5.07 -19.41
CA PHE D 200 -7.86 -3.84 -19.36
C PHE D 200 -7.56 -3.39 -20.79
N ASP D 201 -8.49 -2.67 -21.41
CA ASP D 201 -8.29 -2.21 -22.78
C ASP D 201 -7.36 -1.00 -22.78
N VAL D 202 -6.21 -1.14 -23.44
CA VAL D 202 -5.21 -0.08 -23.49
C VAL D 202 -4.97 0.22 -24.97
N GLY D 203 -5.92 -0.17 -25.81
CA GLY D 203 -5.78 0.01 -27.25
C GLY D 203 -5.80 1.46 -27.70
N ALA D 204 -6.39 2.35 -26.91
CA ALA D 204 -6.38 3.77 -27.25
C ALA D 204 -5.01 4.41 -27.02
N GLN D 205 -4.10 3.73 -26.35
CA GLN D 205 -2.76 4.26 -26.08
C GLN D 205 -1.89 4.02 -27.31
N ARG D 206 -2.00 4.94 -28.27
CA ARG D 206 -1.20 4.88 -29.50
C ARG D 206 0.17 5.50 -29.21
N SER D 207 1.00 4.73 -28.52
CA SER D 207 2.31 5.20 -28.10
C SER D 207 3.20 3.98 -27.87
N GLU D 208 4.42 4.24 -27.41
CA GLU D 208 5.36 3.16 -27.10
C GLU D 208 4.89 2.39 -25.88
N ARG D 209 4.98 1.06 -25.95
CA ARG D 209 4.49 0.20 -24.89
C ARG D 209 5.46 0.06 -23.73
N LYS D 210 6.72 0.46 -23.91
CA LYS D 210 7.74 0.17 -22.91
C LYS D 210 7.55 0.99 -21.63
N LYS D 211 7.03 2.21 -21.75
CA LYS D 211 6.97 3.12 -20.62
C LYS D 211 5.69 3.00 -19.81
N TRP D 212 4.78 2.08 -20.16
CA TRP D 212 3.61 1.85 -19.34
C TRP D 212 3.29 0.37 -19.16
N ILE D 213 4.17 -0.53 -19.61
CA ILE D 213 3.89 -1.95 -19.45
C ILE D 213 4.17 -2.43 -18.03
N HIS D 214 5.03 -1.72 -17.29
CA HIS D 214 5.33 -2.11 -15.92
C HIS D 214 4.14 -1.95 -14.99
N CYS D 215 3.13 -1.19 -15.41
CA CYS D 215 1.88 -1.10 -14.66
C CYS D 215 1.08 -2.38 -14.70
N PHE D 216 1.42 -3.32 -15.58
CA PHE D 216 0.67 -4.57 -15.71
C PHE D 216 1.53 -5.78 -15.35
N GLU D 217 2.51 -5.59 -14.48
CA GLU D 217 3.36 -6.70 -14.06
C GLU D 217 2.63 -7.69 -13.17
N ASP D 218 1.56 -7.26 -12.50
CA ASP D 218 0.87 -8.09 -11.52
C ASP D 218 -0.38 -8.75 -12.06
N VAL D 219 -0.62 -8.66 -13.37
CA VAL D 219 -1.85 -9.21 -13.93
C VAL D 219 -1.78 -10.73 -13.95
N THR D 220 -2.96 -11.35 -13.89
CA THR D 220 -3.03 -12.81 -13.96
C THR D 220 -2.63 -13.31 -15.34
N ALA D 221 -3.09 -12.67 -16.41
CA ALA D 221 -2.85 -13.17 -17.74
C ALA D 221 -2.94 -12.05 -18.77
N ILE D 222 -2.42 -12.34 -19.95
CA ILE D 222 -2.44 -11.44 -21.09
C ILE D 222 -3.30 -12.09 -22.16
N ILE D 223 -4.46 -11.51 -22.45
CA ILE D 223 -5.34 -12.02 -23.50
C ILE D 223 -4.89 -11.38 -24.81
N PHE D 224 -4.12 -12.12 -25.59
CA PHE D 224 -3.52 -11.62 -26.82
C PHE D 224 -4.23 -12.25 -28.00
N CYS D 225 -4.60 -11.43 -28.98
CA CYS D 225 -5.31 -11.92 -30.16
C CYS D 225 -4.49 -11.75 -31.43
N VAL D 226 -4.51 -12.79 -32.28
CA VAL D 226 -3.76 -12.82 -33.52
C VAL D 226 -4.72 -13.14 -34.66
N ALA D 227 -4.69 -12.33 -35.72
CA ALA D 227 -5.66 -12.46 -36.81
C ALA D 227 -5.21 -13.52 -37.79
N LEU D 228 -6.03 -14.56 -37.96
CA LEU D 228 -5.80 -15.53 -39.02
C LEU D 228 -6.14 -14.94 -40.40
N SER D 229 -7.25 -14.21 -40.49
CA SER D 229 -7.75 -13.70 -41.76
C SER D 229 -6.76 -12.75 -42.43
N GLY D 230 -5.81 -12.21 -41.70
CA GLY D 230 -4.81 -11.36 -42.29
C GLY D 230 -3.55 -12.11 -42.67
N TYR D 231 -3.67 -13.39 -43.04
CA TYR D 231 -2.49 -14.11 -43.51
C TYR D 231 -1.98 -13.57 -44.83
N ASP D 232 -2.87 -13.05 -45.67
CA ASP D 232 -2.47 -12.44 -46.95
C ASP D 232 -2.74 -10.95 -47.03
N GLN D 233 -3.48 -10.37 -46.07
CA GLN D 233 -3.79 -8.96 -46.11
C GLN D 233 -2.58 -8.14 -45.67
N VAL D 234 -2.24 -7.12 -46.45
CA VAL D 234 -1.12 -6.25 -46.14
C VAL D 234 -1.53 -5.25 -45.08
N LEU D 235 -0.56 -4.81 -44.29
CA LEU D 235 -0.81 -3.84 -43.23
C LEU D 235 0.46 -3.08 -42.86
N ASN D 242 1.95 -6.87 -43.87
CA ASN D 242 1.16 -8.04 -43.53
C ASN D 242 0.59 -7.93 -42.13
N ARG D 243 -0.55 -8.58 -41.90
CA ARG D 243 -1.16 -8.57 -40.58
C ARG D 243 -0.43 -9.47 -39.60
N MET D 244 0.20 -10.55 -40.08
CA MET D 244 0.93 -11.45 -39.20
C MET D 244 2.24 -10.84 -38.70
N HIS D 245 2.77 -9.84 -39.41
CA HIS D 245 4.08 -9.28 -39.13
C HIS D 245 3.99 -7.92 -38.45
N ALA D 246 3.08 -7.76 -37.50
CA ALA D 246 3.00 -6.53 -36.72
C ALA D 246 4.30 -6.32 -35.95
N SER D 247 5.05 -5.30 -36.34
CA SER D 247 6.38 -4.96 -35.82
C SER D 247 7.38 -6.10 -35.93
N LEU D 248 7.00 -7.19 -36.61
CA LEU D 248 7.70 -8.47 -36.73
C LEU D 248 7.80 -9.19 -35.39
N LYS D 249 7.36 -8.54 -34.30
CA LYS D 249 7.56 -9.08 -32.97
C LYS D 249 6.41 -8.72 -32.04
N LEU D 250 5.18 -8.62 -32.58
CA LEU D 250 4.04 -8.27 -31.72
C LEU D 250 3.81 -9.29 -30.61
N PHE D 251 4.17 -10.56 -30.85
CA PHE D 251 4.09 -11.57 -29.80
C PHE D 251 5.42 -11.76 -29.09
N ASP D 252 6.54 -11.56 -29.78
CA ASP D 252 7.86 -11.68 -29.16
C ASP D 252 8.06 -10.66 -28.07
N SER D 253 7.65 -9.41 -28.31
CA SER D 253 7.81 -8.36 -27.30
C SER D 253 6.96 -8.64 -26.08
N ILE D 254 5.74 -9.13 -26.28
CA ILE D 254 4.87 -9.43 -25.14
C ILE D 254 5.40 -10.62 -24.35
N CYS D 255 5.90 -11.64 -25.05
CA CYS D 255 6.37 -12.84 -24.37
C CYS D 255 7.64 -12.62 -23.55
N ASN D 256 8.41 -11.58 -23.83
CA ASN D 256 9.73 -11.45 -23.21
C ASN D 256 10.03 -10.03 -22.75
N ASN D 257 9.03 -9.27 -22.31
CA ASN D 257 9.30 -7.90 -21.90
C ASN D 257 9.62 -7.79 -20.41
N LYS D 258 10.48 -8.69 -19.92
CA LYS D 258 11.14 -8.60 -18.62
C LYS D 258 10.18 -8.52 -17.42
N PHE D 259 8.87 -8.52 -17.68
CA PHE D 259 7.85 -8.43 -16.65
C PHE D 259 6.87 -9.58 -16.86
N PHE D 260 6.64 -9.93 -18.12
CA PHE D 260 5.87 -11.11 -18.48
C PHE D 260 6.77 -12.33 -18.66
N ILE D 261 7.62 -12.59 -17.66
CA ILE D 261 8.49 -13.76 -17.70
C ILE D 261 7.82 -14.98 -17.07
N ASP D 262 6.75 -14.78 -16.30
CA ASP D 262 5.94 -15.86 -15.78
C ASP D 262 4.44 -15.59 -15.95
N THR D 263 4.09 -14.52 -16.66
CA THR D 263 2.70 -14.16 -16.89
C THR D 263 2.16 -14.97 -18.06
N SER D 264 1.13 -15.78 -17.80
CA SER D 264 0.55 -16.60 -18.85
C SER D 264 -0.13 -15.74 -19.90
N ILE D 265 -0.18 -16.26 -21.12
CA ILE D 265 -0.83 -15.59 -22.24
C ILE D 265 -1.93 -16.50 -22.76
N ILE D 266 -3.14 -15.98 -22.81
CA ILE D 266 -4.26 -16.64 -23.47
C ILE D 266 -4.33 -16.08 -24.88
N LEU D 267 -3.97 -16.89 -25.87
CA LEU D 267 -3.93 -16.44 -27.25
C LEU D 267 -5.24 -16.84 -27.93
N PHE D 268 -5.77 -15.94 -28.74
CA PHE D 268 -7.02 -16.16 -29.45
C PHE D 268 -6.79 -16.01 -30.94
N LEU D 269 -7.20 -17.02 -31.70
CA LEU D 269 -7.03 -17.03 -33.15
C LEU D 269 -8.28 -16.40 -33.74
N ASN D 270 -8.13 -15.34 -34.52
CA ASN D 270 -9.25 -14.51 -34.91
C ASN D 270 -9.81 -14.90 -36.27
N LYS D 271 -11.14 -14.82 -36.39
CA LYS D 271 -11.89 -15.00 -37.63
C LYS D 271 -11.66 -16.39 -38.23
N LYS D 272 -12.14 -17.40 -37.48
CA LYS D 272 -12.03 -18.78 -37.94
C LYS D 272 -13.02 -19.09 -39.06
N ASP D 273 -14.23 -18.50 -39.02
CA ASP D 273 -15.21 -18.75 -40.06
C ASP D 273 -14.76 -18.21 -41.41
N LEU D 274 -14.25 -16.98 -41.42
CA LEU D 274 -13.69 -16.42 -42.66
C LEU D 274 -12.46 -17.19 -43.10
N PHE D 275 -11.71 -17.76 -42.15
CA PHE D 275 -10.61 -18.64 -42.52
C PHE D 275 -11.11 -19.88 -43.24
N GLY D 276 -12.19 -20.48 -42.74
CA GLY D 276 -12.73 -21.67 -43.39
C GLY D 276 -13.35 -21.38 -44.74
N GLU D 277 -13.85 -20.15 -44.93
CA GLU D 277 -14.42 -19.75 -46.21
C GLU D 277 -13.45 -18.94 -47.07
N LYS D 278 -12.18 -18.87 -46.71
CA LYS D 278 -11.25 -17.99 -47.40
C LYS D 278 -9.96 -18.69 -47.78
N ILE D 279 -9.62 -19.78 -47.09
CA ILE D 279 -8.30 -20.41 -47.18
C ILE D 279 -7.96 -20.89 -48.59
N LYS D 280 -8.95 -21.07 -49.46
CA LYS D 280 -8.66 -21.50 -50.82
C LYS D 280 -8.15 -20.33 -51.67
N LYS D 281 -7.12 -19.63 -51.19
CA LYS D 281 -6.48 -18.58 -51.98
C LYS D 281 -5.07 -18.38 -51.42
N SER D 282 -4.08 -18.98 -52.09
CA SER D 282 -2.65 -18.78 -51.86
C SER D 282 -2.25 -18.95 -50.40
N PRO D 283 -2.22 -20.18 -49.87
CA PRO D 283 -1.80 -20.38 -48.48
C PRO D 283 -0.33 -20.08 -48.27
N LEU D 284 0.54 -20.68 -49.09
CA LEU D 284 1.97 -20.41 -49.03
C LEU D 284 2.22 -19.06 -49.68
N THR D 285 2.37 -18.03 -48.85
CA THR D 285 2.44 -16.66 -49.32
C THR D 285 3.35 -15.88 -48.39
N ILE D 286 3.21 -14.55 -48.41
CA ILE D 286 4.06 -13.66 -47.62
C ILE D 286 3.93 -13.87 -46.13
N CYS D 287 2.92 -14.61 -45.67
CA CYS D 287 2.81 -14.94 -44.27
C CYS D 287 3.98 -15.80 -43.81
N PHE D 288 4.09 -17.01 -44.36
CA PHE D 288 5.14 -17.95 -43.97
C PHE D 288 5.54 -18.76 -45.19
N PRO D 289 6.65 -18.41 -45.85
CA PRO D 289 7.16 -19.18 -47.00
C PRO D 289 7.98 -20.40 -46.60
N GLU D 290 7.48 -21.17 -45.65
CA GLU D 290 8.11 -22.42 -45.24
C GLU D 290 7.09 -23.52 -44.98
N TYR D 291 5.88 -23.39 -45.51
CA TYR D 291 4.75 -24.25 -45.15
C TYR D 291 4.99 -25.71 -45.49
N THR D 292 5.04 -26.03 -46.79
CA THR D 292 5.19 -27.40 -47.29
C THR D 292 4.20 -28.36 -46.62
N GLY D 293 2.92 -27.97 -46.62
CA GLY D 293 1.92 -28.70 -45.89
C GLY D 293 0.56 -28.73 -46.56
N PRO D 294 -0.40 -29.37 -45.91
CA PRO D 294 -1.72 -29.55 -46.51
C PRO D 294 -2.52 -28.24 -46.54
N ASN D 295 -3.62 -28.30 -47.28
CA ASN D 295 -4.52 -27.16 -47.44
C ASN D 295 -5.60 -27.22 -46.36
N THR D 296 -6.69 -26.45 -46.56
CA THR D 296 -7.91 -26.32 -45.77
C THR D 296 -7.67 -25.88 -44.33
N TYR D 297 -8.75 -25.64 -43.59
CA TYR D 297 -8.67 -24.92 -42.32
C TYR D 297 -7.93 -25.71 -41.26
N GLU D 298 -8.26 -27.00 -41.10
CA GLU D 298 -7.84 -27.78 -39.95
C GLU D 298 -6.34 -28.02 -39.90
N ASP D 299 -5.61 -27.74 -40.98
CA ASP D 299 -4.15 -27.82 -40.97
C ASP D 299 -3.47 -26.46 -40.95
N ALA D 300 -3.96 -25.51 -41.74
CA ALA D 300 -3.37 -24.18 -41.77
C ALA D 300 -3.53 -23.46 -40.44
N ALA D 301 -4.70 -23.59 -39.82
CA ALA D 301 -4.92 -22.98 -38.50
C ALA D 301 -3.99 -23.57 -37.46
N ALA D 302 -3.81 -24.90 -37.48
CA ALA D 302 -2.90 -25.54 -36.57
C ALA D 302 -1.46 -25.11 -36.83
N TYR D 303 -1.11 -24.91 -38.10
CA TYR D 303 0.25 -24.47 -38.44
C TYR D 303 0.52 -23.08 -37.88
N ILE D 304 -0.41 -22.15 -38.07
CA ILE D 304 -0.20 -20.78 -37.59
C ILE D 304 -0.22 -20.74 -36.07
N GLN D 305 -1.07 -21.55 -35.44
CA GLN D 305 -1.10 -21.62 -33.98
C GLN D 305 0.22 -22.15 -33.43
N ALA D 306 0.76 -23.21 -34.05
CA ALA D 306 2.05 -23.74 -33.61
C ALA D 306 3.17 -22.73 -33.85
N GLN D 307 3.09 -21.99 -34.96
CA GLN D 307 4.10 -20.98 -35.24
C GLN D 307 4.10 -19.89 -34.18
N PHE D 308 2.91 -19.47 -33.74
CA PHE D 308 2.85 -18.42 -32.73
C PHE D 308 3.17 -18.95 -31.32
N GLU D 309 2.93 -20.24 -31.06
CA GLU D 309 3.41 -20.83 -29.82
C GLU D 309 4.91 -21.07 -29.81
N SER D 310 5.53 -21.18 -30.98
CA SER D 310 6.96 -21.47 -31.06
C SER D 310 7.84 -20.32 -30.58
N LYS D 311 7.27 -19.14 -30.36
CA LYS D 311 8.01 -17.98 -29.90
C LYS D 311 8.07 -17.87 -28.38
N ASN D 312 7.53 -18.86 -27.65
CA ASN D 312 7.39 -18.75 -26.20
C ASN D 312 8.75 -18.75 -25.51
N ARG D 313 9.51 -19.85 -25.64
CA ARG D 313 10.81 -20.02 -25.00
C ARG D 313 10.74 -19.81 -23.49
N SER D 314 9.69 -20.35 -22.87
CA SER D 314 9.50 -20.22 -21.43
C SER D 314 8.84 -21.47 -20.86
N PRO D 315 9.52 -22.19 -19.96
CA PRO D 315 8.93 -23.42 -19.42
C PRO D 315 7.81 -23.15 -18.42
N ASN D 316 7.99 -22.19 -17.51
CA ASN D 316 6.96 -21.93 -16.51
C ASN D 316 5.73 -21.29 -17.12
N LYS D 317 5.92 -20.35 -18.03
CA LYS D 317 4.81 -19.69 -18.70
C LYS D 317 4.12 -20.65 -19.66
N GLU D 318 2.79 -20.55 -19.73
CA GLU D 318 1.99 -21.36 -20.65
C GLU D 318 1.22 -20.46 -21.58
N ILE D 319 0.95 -20.97 -22.79
CA ILE D 319 0.18 -20.25 -23.79
C ILE D 319 -1.06 -21.09 -24.09
N TYR D 320 -2.23 -20.51 -23.88
CA TYR D 320 -3.51 -21.18 -24.10
C TYR D 320 -4.12 -20.59 -25.36
N CYS D 321 -4.29 -21.43 -26.38
CA CYS D 321 -4.84 -20.99 -27.65
C CYS D 321 -6.26 -21.49 -27.83
N HIS D 322 -7.03 -20.75 -28.61
CA HIS D 322 -8.43 -21.07 -28.87
C HIS D 322 -8.84 -20.46 -30.19
N MET D 323 -9.95 -20.96 -30.73
CA MET D 323 -10.46 -20.55 -32.04
C MET D 323 -11.76 -19.78 -31.83
N THR D 324 -11.86 -18.58 -32.40
CA THR D 324 -13.04 -17.76 -32.22
C THR D 324 -13.67 -17.43 -33.57
N CYS D 325 -14.99 -17.19 -33.54
CA CYS D 325 -15.75 -16.89 -34.74
C CYS D 325 -16.67 -15.68 -34.59
N SER D 326 -16.71 -15.07 -33.41
CA SER D 326 -17.62 -13.97 -33.08
C SER D 326 -19.09 -14.36 -33.27
N THR D 327 -19.39 -15.65 -33.09
CA THR D 327 -20.77 -16.13 -33.21
C THR D 327 -21.13 -17.01 -32.03
N ASP D 328 -20.12 -17.64 -31.41
CA ASP D 328 -20.33 -18.56 -30.31
C ASP D 328 -20.50 -17.82 -28.99
N THR D 329 -20.99 -18.55 -27.99
CA THR D 329 -21.22 -18.00 -26.67
C THR D 329 -20.31 -18.60 -25.60
N ASN D 330 -19.46 -19.56 -25.96
CA ASN D 330 -18.56 -20.21 -25.01
C ASN D 330 -17.17 -19.60 -25.15
N ASN D 331 -17.00 -18.39 -24.61
CA ASN D 331 -15.72 -17.71 -24.67
C ASN D 331 -15.31 -17.13 -23.32
N ILE D 332 -16.15 -17.22 -22.30
CA ILE D 332 -15.79 -16.77 -20.96
C ILE D 332 -15.15 -17.94 -20.22
N GLN D 333 -15.56 -19.16 -20.59
CA GLN D 333 -14.98 -20.34 -19.96
C GLN D 333 -13.57 -20.63 -20.44
N VAL D 334 -13.22 -20.21 -21.66
CA VAL D 334 -11.85 -20.42 -22.15
C VAL D 334 -10.85 -19.64 -21.32
N VAL D 335 -11.17 -18.38 -20.99
CA VAL D 335 -10.29 -17.62 -20.11
C VAL D 335 -10.48 -18.04 -18.66
N PHE D 336 -11.68 -18.47 -18.26
CA PHE D 336 -11.93 -18.85 -16.88
C PHE D 336 -11.14 -20.10 -16.49
N ASP D 337 -11.15 -21.13 -17.34
CA ASP D 337 -10.39 -22.35 -17.06
C ASP D 337 -8.90 -22.06 -17.03
N ALA D 338 -8.44 -21.18 -17.93
CA ALA D 338 -7.05 -20.76 -17.90
C ALA D 338 -6.72 -20.13 -16.55
N VAL D 339 -7.52 -19.14 -16.13
CA VAL D 339 -7.28 -18.43 -14.88
C VAL D 339 -7.27 -19.40 -13.70
N THR D 340 -8.15 -20.41 -13.75
CA THR D 340 -8.13 -21.47 -12.75
C THR D 340 -6.79 -22.21 -12.76
N ASP D 341 -6.27 -22.49 -13.95
CA ASP D 341 -4.97 -23.17 -14.03
C ASP D 341 -3.83 -22.32 -13.46
N ILE D 342 -3.79 -21.02 -13.80
CA ILE D 342 -2.75 -20.15 -13.24
C ILE D 342 -2.88 -20.04 -11.72
N ILE D 343 -4.10 -19.93 -11.20
CA ILE D 343 -4.20 -19.78 -9.75
C ILE D 343 -3.91 -21.09 -9.02
N ILE D 344 -4.20 -22.24 -9.64
CA ILE D 344 -3.79 -23.51 -9.05
C ILE D 344 -2.27 -23.64 -9.06
N ALA D 345 -1.62 -23.20 -10.14
CA ALA D 345 -0.15 -23.21 -10.18
C ALA D 345 0.45 -22.29 -9.12
N ASN D 346 -0.14 -21.11 -8.95
CA ASN D 346 0.32 -20.19 -7.91
C ASN D 346 0.12 -20.77 -6.52
N ASN D 347 -1.00 -21.46 -6.31
CA ASN D 347 -1.25 -22.12 -5.02
C ASN D 347 -0.23 -23.22 -4.77
N LEU D 348 0.12 -23.99 -5.81
CA LEU D 348 1.14 -25.02 -5.67
C LEU D 348 2.49 -24.41 -5.32
N ARG D 349 2.83 -23.30 -5.96
CA ARG D 349 4.10 -22.63 -5.64
C ARG D 349 4.09 -22.05 -4.23
N GLY D 350 2.94 -21.56 -3.77
CA GLY D 350 2.84 -21.05 -2.41
C GLY D 350 2.80 -22.14 -1.35
N CYS D 351 2.43 -23.36 -1.73
CA CYS D 351 2.43 -24.48 -0.80
C CYS D 351 3.79 -25.18 -0.73
N GLY D 352 4.79 -24.69 -1.46
CA GLY D 352 6.12 -25.28 -1.45
C GLY D 352 6.20 -26.67 -2.04
N LEU D 353 5.52 -26.91 -3.16
CA LEU D 353 5.58 -28.19 -3.84
C LEU D 353 6.08 -28.06 -5.28
N TYR D 354 6.38 -26.85 -5.75
CA TYR D 354 6.94 -26.67 -7.08
C TYR D 354 7.82 -25.42 -7.13
N PRO E 6 20.35 -58.78 27.00
CA PRO E 6 21.29 -58.58 25.90
C PRO E 6 21.62 -57.11 25.67
N ALA E 7 21.56 -56.66 24.42
CA ALA E 7 21.87 -55.28 24.05
C ALA E 7 20.62 -54.48 23.72
N ILE E 8 19.44 -54.96 24.13
CA ILE E 8 18.20 -54.22 23.87
C ILE E 8 18.17 -52.86 24.55
N PRO E 9 18.45 -52.72 25.86
CA PRO E 9 18.33 -51.38 26.47
C PRO E 9 19.30 -50.34 25.90
N VAL E 10 20.54 -50.72 25.60
CA VAL E 10 21.48 -49.75 25.07
C VAL E 10 21.09 -49.33 23.66
N ILE E 11 20.58 -50.27 22.86
CA ILE E 11 20.12 -49.94 21.51
C ILE E 11 18.93 -48.99 21.57
N ILE E 12 17.97 -49.28 22.44
CA ILE E 12 16.79 -48.43 22.56
C ILE E 12 17.17 -47.04 23.08
N THR E 13 18.09 -46.98 24.04
CA THR E 13 18.55 -45.68 24.53
C THR E 13 19.27 -44.88 23.45
N ALA E 14 20.06 -45.55 22.62
CA ALA E 14 20.71 -44.87 21.51
C ALA E 14 19.68 -44.35 20.50
N VAL E 15 18.63 -45.14 20.26
CA VAL E 15 17.54 -44.70 19.40
C VAL E 15 16.88 -43.45 19.96
N TYR E 16 16.61 -43.43 21.27
CA TYR E 16 16.00 -42.27 21.89
C TYR E 16 16.91 -41.05 21.81
N SER E 17 18.21 -41.24 22.01
CA SER E 17 19.14 -40.12 21.94
C SER E 17 19.23 -39.55 20.52
N VAL E 18 19.24 -40.43 19.52
CA VAL E 18 19.27 -39.99 18.12
C VAL E 18 17.99 -39.22 17.79
N VAL E 19 16.84 -39.72 18.25
CA VAL E 19 15.57 -39.04 18.02
C VAL E 19 15.58 -37.66 18.67
N PHE E 20 16.08 -37.58 19.91
CA PHE E 20 16.18 -36.30 20.62
C PHE E 20 17.03 -35.30 19.85
N VAL E 21 18.23 -35.72 19.45
CA VAL E 21 19.17 -34.81 18.80
C VAL E 21 18.61 -34.33 17.47
N VAL E 22 18.11 -35.27 16.65
CA VAL E 22 17.60 -34.92 15.33
C VAL E 22 16.37 -34.02 15.46
N GLY E 23 15.47 -34.33 16.39
CA GLY E 23 14.28 -33.50 16.56
C GLY E 23 14.60 -32.09 17.00
N LEU E 24 15.48 -31.95 17.99
CA LEU E 24 15.88 -30.60 18.42
C LEU E 24 16.55 -29.83 17.30
N VAL E 25 17.47 -30.47 16.57
CA VAL E 25 18.20 -29.77 15.52
C VAL E 25 17.26 -29.33 14.41
N GLY E 26 16.38 -30.24 13.97
CA GLY E 26 15.46 -29.92 12.89
C GLY E 26 14.47 -28.83 13.27
N ASN E 27 13.87 -28.95 14.46
CA ASN E 27 12.91 -27.94 14.90
C ASN E 27 13.57 -26.58 15.07
N SER E 28 14.78 -26.54 15.65
CA SER E 28 15.47 -25.26 15.84
C SER E 28 15.83 -24.63 14.50
N LEU E 29 16.32 -25.44 13.56
CA LEU E 29 16.66 -24.90 12.24
C LEU E 29 15.42 -24.38 11.52
N VAL E 30 14.30 -25.11 11.62
CA VAL E 30 13.06 -24.68 10.98
C VAL E 30 12.59 -23.36 11.56
N MET E 31 12.59 -23.25 12.89
CA MET E 31 12.18 -22.01 13.55
C MET E 31 13.07 -20.85 13.15
N PHE E 32 14.39 -21.06 13.15
CA PHE E 32 15.32 -19.99 12.82
C PHE E 32 15.12 -19.52 11.39
N VAL E 33 14.95 -20.45 10.45
CA VAL E 33 14.80 -20.05 9.05
C VAL E 33 13.48 -19.33 8.83
N ILE E 34 12.40 -19.78 9.47
CA ILE E 34 11.12 -19.13 9.23
C ILE E 34 10.99 -17.80 9.97
N ILE E 35 11.77 -17.57 11.02
CA ILE E 35 11.76 -16.24 11.63
C ILE E 35 12.78 -15.30 10.99
N ARG E 36 13.79 -15.84 10.30
CA ARG E 36 14.75 -14.98 9.60
C ARG E 36 14.35 -14.69 8.17
N TYR E 37 13.45 -15.48 7.60
CA TYR E 37 13.04 -15.30 6.20
C TYR E 37 11.54 -15.49 6.08
N THR E 38 10.98 -14.88 5.01
CA THR E 38 9.60 -14.97 4.56
C THR E 38 8.60 -14.31 5.51
N LYS E 39 9.06 -13.87 6.68
CA LYS E 39 8.31 -13.03 7.62
C LYS E 39 6.98 -13.63 8.07
N MET E 40 6.77 -14.94 7.85
CA MET E 40 5.53 -15.64 8.16
C MET E 40 4.31 -14.93 7.54
N LYS E 41 4.45 -14.57 6.27
CA LYS E 41 3.42 -13.84 5.54
C LYS E 41 2.48 -14.75 4.76
N THR E 42 2.63 -16.07 4.88
CA THR E 42 1.80 -17.03 4.17
C THR E 42 1.21 -18.00 5.19
N ALA E 43 0.02 -18.53 4.88
CA ALA E 43 -0.66 -19.42 5.80
C ALA E 43 0.15 -20.68 6.07
N THR E 44 0.81 -21.22 5.05
CA THR E 44 1.62 -22.41 5.24
C THR E 44 2.81 -22.13 6.16
N ASN E 45 3.33 -20.90 6.18
CA ASN E 45 4.39 -20.57 7.11
C ASN E 45 3.88 -20.57 8.56
N ILE E 46 2.66 -20.08 8.77
CA ILE E 46 2.07 -20.11 10.11
C ILE E 46 1.84 -21.55 10.55
N TYR E 47 1.33 -22.39 9.64
CA TYR E 47 1.13 -23.80 9.97
C TYR E 47 2.45 -24.50 10.27
N ILE E 48 3.50 -24.18 9.50
CA ILE E 48 4.82 -24.77 9.73
C ILE E 48 5.37 -24.34 11.08
N PHE E 49 5.18 -23.06 11.43
CA PHE E 49 5.60 -22.58 12.76
C PHE E 49 4.89 -23.32 13.87
N ASN E 50 3.57 -23.50 13.72
CA ASN E 50 2.79 -24.22 14.73
C ASN E 50 3.28 -25.65 14.87
N LEU E 51 3.50 -26.34 13.74
CA LEU E 51 3.95 -27.72 13.79
C LEU E 51 5.34 -27.84 14.38
N ALA E 52 6.25 -26.91 14.04
CA ALA E 52 7.59 -26.93 14.59
C ALA E 52 7.58 -26.71 16.09
N LEU E 53 6.77 -25.76 16.56
CA LEU E 53 6.67 -25.50 18.00
C LEU E 53 6.10 -26.70 18.73
N ALA E 54 5.03 -27.30 18.20
CA ALA E 54 4.43 -28.46 18.84
C ALA E 54 5.40 -29.64 18.86
N ASP E 55 6.13 -29.85 17.77
CA ASP E 55 7.08 -30.95 17.71
C ASP E 55 8.25 -30.72 18.66
N ALA E 56 8.70 -29.48 18.80
CA ALA E 56 9.75 -29.18 19.76
C ALA E 56 9.29 -29.45 21.19
N LEU E 57 8.06 -29.06 21.50
CA LEU E 57 7.54 -29.30 22.85
C LEU E 57 7.30 -30.79 23.11
N VAL E 58 6.99 -31.57 22.07
CA VAL E 58 6.95 -33.02 22.23
C VAL E 58 8.34 -33.58 22.48
N THR E 59 9.32 -33.14 21.68
CA THR E 59 10.63 -33.76 21.70
C THR E 59 11.51 -33.29 22.85
N THR E 60 11.10 -32.26 23.60
CA THR E 60 11.81 -31.95 24.85
C THR E 60 11.29 -32.80 26.01
N THR E 61 11.17 -34.11 25.76
CA THR E 61 10.70 -35.06 26.76
C THR E 61 11.51 -36.36 26.68
N MET E 62 12.48 -36.47 25.76
CA MET E 62 13.17 -37.74 25.57
C MET E 62 13.99 -38.16 26.78
N PRO E 63 14.79 -37.30 27.43
CA PRO E 63 15.49 -37.76 28.64
C PRO E 63 14.56 -38.20 29.75
N PHE E 64 13.36 -37.63 29.84
CA PHE E 64 12.41 -38.07 30.86
C PHE E 64 12.03 -39.53 30.67
N GLN E 65 11.58 -39.90 29.46
CA GLN E 65 11.18 -41.28 29.21
C GLN E 65 12.36 -42.23 29.26
N SER E 66 13.53 -41.79 28.78
CA SER E 66 14.72 -42.63 28.85
C SER E 66 15.11 -42.91 30.29
N THR E 67 15.07 -41.88 31.16
CA THR E 67 15.38 -42.07 32.57
C THR E 67 14.31 -42.91 33.26
N VAL E 68 13.06 -42.82 32.79
CA VAL E 68 12.02 -43.67 33.36
C VAL E 68 12.28 -45.14 33.03
N TYR E 69 12.71 -45.43 31.81
CA TYR E 69 12.99 -46.81 31.46
C TYR E 69 14.28 -47.32 32.09
N LEU E 70 15.24 -46.43 32.36
CA LEU E 70 16.49 -46.85 32.98
C LEU E 70 16.40 -46.96 34.50
N MET E 71 15.54 -46.18 35.15
CA MET E 71 15.35 -46.26 36.60
C MET E 71 14.16 -47.10 37.01
N ASN E 72 13.23 -47.34 36.09
CA ASN E 72 12.18 -48.34 36.07
C ASN E 72 11.03 -47.94 37.00
N SER E 73 11.15 -46.90 37.83
CA SER E 73 9.92 -46.54 38.54
C SER E 73 9.41 -45.12 38.29
N TRP E 74 10.04 -44.10 38.91
CA TRP E 74 9.70 -42.69 38.71
C TRP E 74 10.67 -41.75 39.41
N PRO E 75 11.82 -41.43 38.86
CA PRO E 75 12.76 -40.53 39.53
C PRO E 75 12.51 -39.04 39.25
N PHE E 76 11.25 -38.61 39.33
CA PHE E 76 11.01 -37.20 39.03
C PHE E 76 10.14 -36.46 40.06
N GLY E 77 9.13 -37.10 40.60
CA GLY E 77 8.19 -36.42 41.48
C GLY E 77 6.85 -36.15 40.81
N ASP E 78 5.86 -35.84 41.65
CA ASP E 78 4.48 -35.73 41.18
C ASP E 78 4.20 -34.44 40.42
N VAL E 79 4.83 -33.32 40.81
CA VAL E 79 4.66 -32.08 40.07
C VAL E 79 5.21 -32.23 38.65
N LEU E 80 6.41 -32.81 38.55
CA LEU E 80 7.00 -33.10 37.25
C LEU E 80 6.15 -34.11 36.48
N CYS E 81 5.56 -35.07 37.19
CA CYS E 81 4.66 -36.03 36.54
C CYS E 81 3.49 -35.34 35.88
N LYS E 82 2.81 -34.47 36.63
CA LYS E 82 1.63 -33.79 36.11
C LYS E 82 2.00 -32.88 34.93
N ILE E 83 3.08 -32.11 35.07
CA ILE E 83 3.42 -31.17 34.00
C ILE E 83 3.89 -31.92 32.76
N VAL E 84 4.65 -33.01 32.92
CA VAL E 84 5.16 -33.75 31.77
C VAL E 84 4.04 -34.48 31.05
N LEU E 85 3.14 -35.12 31.81
CA LEU E 85 2.00 -35.80 31.19
C LEU E 85 1.12 -34.82 30.43
N SER E 86 0.81 -33.67 31.05
CA SER E 86 -0.03 -32.68 30.38
C SER E 86 0.64 -32.13 29.13
N ILE E 87 1.94 -31.80 29.21
CA ILE E 87 2.66 -31.26 28.05
C ILE E 87 2.71 -32.28 26.93
N ASP E 88 2.98 -33.55 27.27
CA ASP E 88 3.09 -34.60 26.28
C ASP E 88 1.77 -34.80 25.54
N TYR E 89 0.68 -34.98 26.28
CA TYR E 89 -0.63 -35.16 25.64
C TYR E 89 -1.02 -33.94 24.80
N TYR E 90 -0.81 -32.75 25.37
CA TYR E 90 -1.26 -31.50 24.75
C TYR E 90 -0.54 -31.25 23.42
N ASN E 91 0.79 -31.39 23.44
CA ASN E 91 1.53 -31.13 22.22
C ASN E 91 1.45 -32.27 21.22
N MET E 92 1.19 -33.51 21.69
CA MET E 92 0.81 -34.60 20.80
C MET E 92 -0.42 -34.22 19.97
N PHE E 93 -1.48 -33.81 20.65
CA PHE E 93 -2.71 -33.47 19.94
C PHE E 93 -2.51 -32.27 19.04
N THR E 94 -1.71 -31.29 19.48
CA THR E 94 -1.43 -30.13 18.64
C THR E 94 -0.70 -30.52 17.36
N SER E 95 0.31 -31.39 17.45
CA SER E 95 1.05 -31.81 16.27
C SER E 95 0.15 -32.55 15.29
N ILE E 96 -0.67 -33.47 15.80
CA ILE E 96 -1.53 -34.26 14.93
C ILE E 96 -2.56 -33.37 14.23
N PHE E 97 -3.16 -32.44 14.98
CA PHE E 97 -4.15 -31.56 14.38
C PHE E 97 -3.52 -30.58 13.39
N THR E 98 -2.26 -30.18 13.61
CA THR E 98 -1.58 -29.32 12.63
C THR E 98 -1.30 -30.07 11.34
N LEU E 99 -0.92 -31.36 11.43
CA LEU E 99 -0.84 -32.22 10.25
C LEU E 99 -2.16 -32.22 9.48
N THR E 100 -3.25 -32.46 10.20
CA THR E 100 -4.56 -32.53 9.55
C THR E 100 -4.92 -31.22 8.87
N MET E 101 -4.64 -30.09 9.52
CA MET E 101 -5.01 -28.81 8.93
C MET E 101 -4.11 -28.42 7.76
N MET E 102 -2.83 -28.83 7.76
CA MET E 102 -2.03 -28.63 6.55
C MET E 102 -2.59 -29.43 5.38
N SER E 103 -3.03 -30.66 5.65
CA SER E 103 -3.63 -31.47 4.58
C SER E 103 -4.88 -30.80 4.01
N VAL E 104 -5.76 -30.31 4.89
CA VAL E 104 -6.99 -29.66 4.43
C VAL E 104 -6.66 -28.35 3.70
N ASP E 105 -5.65 -27.62 4.17
CA ASP E 105 -5.25 -26.38 3.52
C ASP E 105 -4.73 -26.62 2.11
N ARG E 106 -3.92 -27.66 1.92
CA ARG E 106 -3.43 -27.97 0.58
C ARG E 106 -4.57 -28.43 -0.33
N TYR E 107 -5.50 -29.22 0.22
CA TYR E 107 -6.66 -29.63 -0.56
C TYR E 107 -7.49 -28.44 -1.01
N ILE E 108 -7.67 -27.46 -0.13
CA ILE E 108 -8.41 -26.25 -0.51
C ILE E 108 -7.62 -25.44 -1.53
N ALA E 109 -6.29 -25.38 -1.37
CA ALA E 109 -5.47 -24.59 -2.28
C ALA E 109 -5.49 -25.14 -3.69
N VAL E 110 -5.60 -26.47 -3.85
CA VAL E 110 -5.58 -27.02 -5.20
C VAL E 110 -6.98 -27.28 -5.73
N CYS E 111 -7.79 -28.06 -5.00
CA CYS E 111 -9.05 -28.54 -5.55
C CYS E 111 -10.12 -27.47 -5.60
N HIS E 112 -10.09 -26.48 -4.71
CA HIS E 112 -11.06 -25.39 -4.69
C HIS E 112 -10.33 -24.06 -4.68
N PRO E 113 -9.75 -23.65 -5.81
CA PRO E 113 -8.93 -22.44 -5.82
C PRO E 113 -9.72 -21.15 -5.77
N VAL E 114 -10.99 -21.16 -6.15
CA VAL E 114 -11.80 -19.94 -6.10
C VAL E 114 -12.11 -19.56 -4.66
N LYS E 115 -12.57 -20.53 -3.87
CA LYS E 115 -12.88 -20.26 -2.46
C LYS E 115 -11.62 -20.13 -1.61
N ALA E 116 -10.50 -20.67 -2.09
CA ALA E 116 -9.24 -20.55 -1.35
C ALA E 116 -8.77 -19.10 -1.25
N LEU E 117 -9.31 -18.21 -2.09
CA LEU E 117 -9.01 -16.79 -1.95
C LEU E 117 -9.58 -16.20 -0.67
N ASP E 118 -10.53 -16.88 -0.03
CA ASP E 118 -11.16 -16.40 1.18
C ASP E 118 -10.75 -17.19 2.42
N PHE E 119 -10.74 -18.52 2.35
CA PHE E 119 -10.43 -19.32 3.52
C PHE E 119 -8.95 -19.34 3.85
N ARG E 120 -8.08 -19.19 2.85
CA ARG E 120 -6.64 -19.32 3.05
C ARG E 120 -5.96 -18.00 3.37
N THR E 121 -6.68 -17.05 3.96
CA THR E 121 -6.06 -15.83 4.44
C THR E 121 -5.20 -16.14 5.68
N PRO E 122 -4.15 -15.36 5.92
CA PRO E 122 -3.35 -15.56 7.14
C PRO E 122 -4.14 -15.43 8.44
N LEU E 123 -5.12 -14.52 8.48
CA LEU E 123 -5.91 -14.32 9.68
C LEU E 123 -6.72 -15.57 10.01
N LYS E 124 -7.35 -16.17 8.99
CA LYS E 124 -8.10 -17.40 9.24
C LYS E 124 -7.18 -18.54 9.67
N ALA E 125 -5.99 -18.63 9.08
CA ALA E 125 -5.03 -19.64 9.52
C ALA E 125 -4.67 -19.47 10.98
N LYS E 126 -4.53 -18.21 11.42
CA LYS E 126 -4.31 -17.94 12.84
C LYS E 126 -5.52 -18.37 13.68
N ILE E 127 -6.73 -18.18 13.16
CA ILE E 127 -7.93 -18.59 13.90
C ILE E 127 -7.95 -20.11 14.11
N ILE E 128 -7.76 -20.89 13.04
CA ILE E 128 -7.73 -22.34 13.20
C ILE E 128 -6.56 -22.79 14.08
N ASN E 129 -5.41 -22.10 14.02
CA ASN E 129 -4.33 -22.42 14.95
C ASN E 129 -4.75 -22.21 16.40
N ILE E 130 -5.48 -21.13 16.68
CA ILE E 130 -5.94 -20.86 18.04
C ILE E 130 -6.93 -21.94 18.49
N CYS E 131 -7.85 -22.34 17.61
CA CYS E 131 -8.78 -23.41 17.99
C CYS E 131 -8.06 -24.74 18.20
N ILE E 132 -6.99 -25.02 17.43
CA ILE E 132 -6.19 -26.21 17.66
C ILE E 132 -5.57 -26.16 19.05
N TRP E 133 -4.99 -25.01 19.40
CA TRP E 133 -4.38 -24.83 20.72
C TRP E 133 -5.40 -25.05 21.83
N LEU E 134 -6.61 -24.50 21.68
CA LEU E 134 -7.63 -24.62 22.71
C LEU E 134 -8.14 -26.06 22.85
N LEU E 135 -8.40 -26.72 21.71
CA LEU E 135 -8.89 -28.09 21.76
C LEU E 135 -7.85 -29.04 22.32
N SER E 136 -6.56 -28.76 22.11
CA SER E 136 -5.53 -29.56 22.76
C SER E 136 -5.38 -29.20 24.24
N SER E 137 -5.58 -27.92 24.59
CA SER E 137 -5.48 -27.51 25.98
C SER E 137 -6.58 -28.12 26.83
N SER E 138 -7.72 -28.44 26.23
CA SER E 138 -8.76 -29.17 26.95
C SER E 138 -8.24 -30.51 27.46
N VAL E 139 -7.62 -31.29 26.57
CA VAL E 139 -7.07 -32.59 26.97
C VAL E 139 -5.90 -32.42 27.92
N GLY E 140 -5.11 -31.36 27.73
CA GLY E 140 -4.02 -31.09 28.66
C GLY E 140 -4.49 -30.81 30.07
N ILE E 141 -5.54 -30.00 30.20
CA ILE E 141 -6.12 -29.71 31.52
C ILE E 141 -6.70 -30.97 32.13
N SER E 142 -7.40 -31.78 31.32
CA SER E 142 -7.96 -33.03 31.84
C SER E 142 -6.87 -33.97 32.33
N ALA E 143 -5.76 -34.06 31.60
CA ALA E 143 -4.64 -34.90 32.02
C ALA E 143 -3.99 -34.37 33.29
N ILE E 144 -3.84 -33.05 33.41
CA ILE E 144 -3.16 -32.51 34.59
C ILE E 144 -4.07 -32.54 35.82
N VAL E 145 -5.38 -32.66 35.65
CA VAL E 145 -6.27 -32.69 36.81
C VAL E 145 -6.57 -34.13 37.21
N LEU E 146 -6.51 -35.07 36.25
CA LEU E 146 -6.94 -36.43 36.53
C LEU E 146 -5.79 -37.40 36.79
N GLY E 147 -4.61 -37.14 36.24
CA GLY E 147 -3.51 -38.10 36.37
C GLY E 147 -2.94 -38.16 37.78
N GLY E 148 -2.22 -39.23 38.05
CA GLY E 148 -1.60 -39.42 39.34
C GLY E 148 -0.58 -40.54 39.34
N THR E 149 0.15 -40.63 40.44
CA THR E 149 1.15 -41.67 40.65
C THR E 149 0.60 -42.75 41.58
N LYS E 150 1.00 -43.98 41.33
CA LYS E 150 0.55 -45.11 42.14
C LYS E 150 1.70 -46.06 42.40
N VAL E 151 1.64 -46.72 43.56
CA VAL E 151 2.69 -47.66 43.95
C VAL E 151 2.36 -49.10 43.59
N ARG E 152 1.14 -49.37 43.10
CA ARG E 152 0.68 -50.70 42.69
C ARG E 152 0.83 -51.75 43.79
N VAL E 155 2.59 -54.73 43.38
CA VAL E 155 4.05 -54.71 43.34
C VAL E 155 4.60 -53.65 44.27
N ASP E 156 5.82 -53.20 44.00
CA ASP E 156 6.48 -52.20 44.82
C ASP E 156 7.16 -51.15 43.94
N VAL E 157 6.45 -50.71 42.91
CA VAL E 157 7.00 -49.77 41.93
C VAL E 157 6.04 -48.59 41.80
N ILE E 158 6.59 -47.37 41.86
CA ILE E 158 5.82 -46.15 41.66
C ILE E 158 5.78 -45.86 40.16
N GLU E 159 4.64 -45.36 39.68
CA GLU E 159 4.48 -45.12 38.25
C GLU E 159 3.39 -44.09 38.01
N CYS E 160 3.55 -43.32 36.94
CA CYS E 160 2.59 -42.30 36.54
C CYS E 160 1.55 -42.90 35.61
N SER E 161 0.30 -42.46 35.77
CA SER E 161 -0.78 -42.91 34.90
C SER E 161 -1.95 -41.94 35.03
N LEU E 162 -3.03 -42.26 34.35
CA LEU E 162 -4.28 -41.51 34.48
C LEU E 162 -5.20 -42.15 35.52
N GLN E 163 -4.66 -42.34 36.73
CA GLN E 163 -5.40 -43.01 37.78
C GLN E 163 -6.50 -42.10 38.33
N PHE E 164 -7.71 -42.61 38.39
CA PHE E 164 -8.85 -41.85 38.90
C PHE E 164 -8.97 -42.00 40.41
N SER E 170 -14.51 -49.54 36.69
CA SER E 170 -15.12 -48.40 36.01
C SER E 170 -14.63 -48.29 34.57
N TRP E 171 -14.90 -47.15 33.95
CA TRP E 171 -14.49 -46.87 32.58
C TRP E 171 -13.86 -45.49 32.47
N TRP E 172 -12.96 -45.18 33.39
CA TRP E 172 -12.22 -43.93 33.37
C TRP E 172 -10.81 -44.09 32.82
N ASP E 173 -10.47 -45.27 32.30
CA ASP E 173 -9.22 -45.51 31.59
C ASP E 173 -9.45 -45.96 30.16
N LEU E 174 -10.27 -46.99 29.96
CA LEU E 174 -10.52 -47.50 28.61
C LEU E 174 -11.22 -46.48 27.74
N PHE E 175 -12.17 -45.73 28.31
CA PHE E 175 -12.88 -44.71 27.55
C PHE E 175 -11.93 -43.62 27.09
N MET E 176 -11.00 -43.20 27.96
CA MET E 176 -10.03 -42.19 27.57
C MET E 176 -9.07 -42.73 26.51
N LYS E 177 -8.69 -44.00 26.62
CA LYS E 177 -7.83 -44.59 25.60
C LYS E 177 -8.51 -44.63 24.23
N ILE E 178 -9.78 -45.04 24.21
CA ILE E 178 -10.54 -45.06 22.96
C ILE E 178 -10.72 -43.65 22.42
N CYS E 179 -10.99 -42.68 23.30
CA CYS E 179 -11.18 -41.30 22.84
C CYS E 179 -9.91 -40.73 22.23
N VAL E 180 -8.76 -40.98 22.86
CA VAL E 180 -7.50 -40.48 22.30
C VAL E 180 -7.14 -41.21 21.02
N PHE E 181 -7.44 -42.51 20.94
CA PHE E 181 -7.22 -43.26 19.70
C PHE E 181 -8.05 -42.69 18.55
N ILE E 182 -9.32 -42.38 18.81
CA ILE E 182 -10.17 -41.85 17.75
C ILE E 182 -9.77 -40.44 17.38
N PHE E 183 -9.51 -39.59 18.38
CA PHE E 183 -9.21 -38.19 18.14
C PHE E 183 -7.75 -37.93 17.83
N ALA E 184 -6.93 -38.97 17.75
CA ALA E 184 -5.51 -38.80 17.42
C ALA E 184 -5.04 -39.62 16.24
N PHE E 185 -5.70 -40.72 15.88
CA PHE E 185 -5.24 -41.57 14.80
C PHE E 185 -6.23 -41.71 13.65
N VAL E 186 -7.48 -42.12 13.94
CA VAL E 186 -8.37 -42.56 12.87
C VAL E 186 -8.80 -41.38 12.00
N ILE E 187 -9.37 -40.35 12.62
CA ILE E 187 -9.81 -39.16 11.87
C ILE E 187 -8.67 -38.48 11.14
N PRO E 188 -7.50 -38.22 11.76
CA PRO E 188 -6.42 -37.59 10.98
C PRO E 188 -5.88 -38.43 9.84
N VAL E 189 -5.76 -39.75 10.02
CA VAL E 189 -5.31 -40.61 8.92
C VAL E 189 -6.32 -40.58 7.78
N LEU E 190 -7.62 -40.63 8.12
CA LEU E 190 -8.65 -40.55 7.09
C LEU E 190 -8.58 -39.23 6.33
N ILE E 191 -8.37 -38.12 7.04
CA ILE E 191 -8.30 -36.82 6.39
C ILE E 191 -7.07 -36.72 5.50
N ILE E 192 -5.92 -37.18 5.98
CA ILE E 192 -4.69 -37.17 5.19
C ILE E 192 -4.88 -37.94 3.89
N ILE E 193 -5.38 -39.18 4.01
CA ILE E 193 -5.58 -40.03 2.83
C ILE E 193 -6.53 -39.37 1.84
N VAL E 194 -7.70 -38.94 2.32
CA VAL E 194 -8.72 -38.43 1.41
C VAL E 194 -8.25 -37.15 0.73
N CYS E 195 -7.74 -36.19 1.52
CA CYS E 195 -7.35 -34.91 0.96
C CYS E 195 -6.19 -35.04 -0.01
N TYR E 196 -5.16 -35.81 0.33
CA TYR E 196 -4.04 -35.97 -0.59
C TYR E 196 -4.40 -36.76 -1.84
N THR E 197 -5.24 -37.80 -1.73
CA THR E 197 -5.57 -38.54 -2.95
C THR E 197 -6.45 -37.69 -3.87
N LEU E 198 -7.37 -36.90 -3.31
CA LEU E 198 -8.17 -36.01 -4.14
C LEU E 198 -7.31 -34.92 -4.76
N MET E 199 -6.33 -34.43 -4.00
CA MET E 199 -5.39 -33.42 -4.50
C MET E 199 -4.60 -33.94 -5.70
N ILE E 200 -4.04 -35.15 -5.59
CA ILE E 200 -3.23 -35.69 -6.68
C ILE E 200 -4.12 -36.02 -7.88
N LEU E 201 -5.32 -36.56 -7.64
CA LEU E 201 -6.22 -36.88 -8.74
C LEU E 201 -6.64 -35.63 -9.51
N ARG E 202 -6.89 -34.53 -8.79
CA ARG E 202 -7.18 -33.27 -9.48
C ARG E 202 -5.95 -32.73 -10.18
N LEU E 203 -4.77 -32.88 -9.57
CA LEU E 203 -3.54 -32.31 -10.11
C LEU E 203 -3.00 -33.09 -11.30
N LYS E 204 -3.52 -34.28 -11.57
CA LYS E 204 -3.12 -34.99 -12.78
C LYS E 204 -3.55 -34.24 -14.04
N SER E 205 -4.79 -33.72 -14.04
CA SER E 205 -5.34 -33.02 -15.21
C SER E 205 -5.10 -31.51 -15.14
N VAL E 206 -3.84 -31.13 -14.93
CA VAL E 206 -3.44 -29.73 -14.76
C VAL E 206 -2.18 -29.51 -15.58
N ARG E 207 -2.11 -28.39 -16.29
CA ARG E 207 -0.89 -28.05 -17.00
C ARG E 207 0.22 -27.72 -16.01
N LEU E 208 1.47 -27.69 -16.53
CA LEU E 208 2.72 -27.62 -15.79
C LEU E 208 2.99 -28.94 -15.06
N LEU E 209 2.05 -29.88 -15.15
CA LEU E 209 2.22 -31.23 -14.61
C LEU E 209 1.62 -32.29 -15.54
N SER E 210 1.50 -31.99 -16.83
CA SER E 210 0.77 -32.85 -17.75
C SER E 210 1.69 -33.93 -18.32
N GLY E 211 1.21 -34.62 -19.35
CA GLY E 211 1.96 -35.72 -19.95
C GLY E 211 3.00 -35.27 -20.96
N SER E 212 4.11 -34.74 -20.47
CA SER E 212 5.21 -34.32 -21.33
C SER E 212 6.53 -34.88 -20.81
N ARG E 213 7.64 -34.44 -21.40
CA ARG E 213 8.96 -34.92 -21.03
C ARG E 213 9.56 -34.18 -19.84
N GLU E 214 8.89 -33.13 -19.35
CA GLU E 214 9.43 -32.36 -18.24
C GLU E 214 8.38 -32.02 -17.18
N LYS E 215 7.19 -32.62 -17.25
CA LYS E 215 6.14 -32.37 -16.28
C LYS E 215 5.68 -33.62 -15.54
N ASP E 216 5.72 -34.79 -16.19
CA ASP E 216 5.42 -36.03 -15.51
C ASP E 216 6.42 -36.31 -14.39
N ARG E 217 7.68 -35.92 -14.58
CA ARG E 217 8.67 -36.11 -13.52
C ARG E 217 8.35 -35.24 -12.31
N ASN E 218 7.89 -34.01 -12.52
CA ASN E 218 7.53 -33.14 -11.41
C ASN E 218 6.28 -33.66 -10.69
N LEU E 219 5.28 -34.11 -11.45
CA LEU E 219 4.09 -34.68 -10.82
C LEU E 219 4.42 -35.95 -10.04
N ARG E 220 5.31 -36.79 -10.58
CA ARG E 220 5.74 -37.98 -9.87
C ARG E 220 6.53 -37.63 -8.61
N ARG E 221 7.34 -36.57 -8.67
CA ARG E 221 8.05 -36.11 -7.47
C ARG E 221 7.07 -35.68 -6.39
N ILE E 222 6.04 -34.93 -6.77
CA ILE E 222 5.02 -34.50 -5.80
C ILE E 222 4.30 -35.69 -5.20
N THR E 223 3.91 -36.66 -6.05
CA THR E 223 3.20 -37.83 -5.56
C THR E 223 4.07 -38.66 -4.63
N ARG E 224 5.36 -38.81 -4.97
CA ARG E 224 6.28 -39.53 -4.11
C ARG E 224 6.43 -38.85 -2.76
N LEU E 225 6.52 -37.52 -2.75
CA LEU E 225 6.62 -36.79 -1.48
C LEU E 225 5.37 -36.98 -0.62
N VAL E 226 4.20 -36.95 -1.26
CA VAL E 226 2.94 -37.15 -0.53
C VAL E 226 2.89 -38.55 0.08
N LEU E 227 3.21 -39.58 -0.71
CA LEU E 227 3.22 -40.93 -0.16
C LEU E 227 4.27 -41.11 0.92
N VAL E 228 5.41 -40.40 0.83
CA VAL E 228 6.39 -40.44 1.90
C VAL E 228 5.79 -39.91 3.19
N VAL E 229 5.08 -38.78 3.11
CA VAL E 229 4.47 -38.18 4.30
C VAL E 229 3.46 -39.14 4.94
N VAL E 230 2.56 -39.68 4.11
CA VAL E 230 1.52 -40.55 4.66
C VAL E 230 2.10 -41.84 5.23
N ALA E 231 3.08 -42.42 4.54
CA ALA E 231 3.70 -43.65 5.02
C ALA E 231 4.46 -43.42 6.32
N VAL E 232 5.14 -42.28 6.44
CA VAL E 232 5.83 -41.95 7.68
C VAL E 232 4.84 -41.85 8.83
N PHE E 233 3.72 -41.14 8.61
CA PHE E 233 2.71 -41.00 9.66
C PHE E 233 2.16 -42.34 10.08
N VAL E 234 1.77 -43.18 9.11
CA VAL E 234 1.14 -44.46 9.43
C VAL E 234 2.13 -45.39 10.14
N VAL E 235 3.35 -45.50 9.60
CA VAL E 235 4.34 -46.41 10.17
C VAL E 235 4.75 -45.97 11.57
N CYS E 236 4.87 -44.67 11.81
CA CYS E 236 5.34 -44.21 13.11
C CYS E 236 4.21 -43.96 14.12
N TRP E 237 2.94 -44.09 13.73
CA TRP E 237 1.88 -44.02 14.74
C TRP E 237 1.14 -45.33 14.97
N THR E 238 1.15 -46.27 14.01
CA THR E 238 0.39 -47.51 14.20
C THR E 238 0.85 -48.36 15.39
N PRO E 239 2.15 -48.66 15.58
CA PRO E 239 2.50 -49.64 16.63
C PRO E 239 2.15 -49.21 18.04
N ILE E 240 2.24 -47.92 18.37
CA ILE E 240 1.94 -47.49 19.74
C ILE E 240 0.46 -47.65 20.04
N HIS E 241 -0.40 -47.27 19.10
CA HIS E 241 -1.83 -47.41 19.34
C HIS E 241 -2.24 -48.88 19.36
N ILE E 242 -1.64 -49.69 18.47
CA ILE E 242 -1.95 -51.13 18.49
C ILE E 242 -1.51 -51.75 19.81
N PHE E 243 -0.34 -51.37 20.31
CA PHE E 243 0.16 -51.94 21.57
C PHE E 243 -0.67 -51.49 22.76
N ILE E 244 -1.06 -50.21 22.79
CA ILE E 244 -1.85 -49.76 23.92
C ILE E 244 -3.26 -50.37 23.90
N LEU E 245 -3.83 -50.60 22.71
CA LEU E 245 -5.13 -51.26 22.67
C LEU E 245 -5.04 -52.74 23.00
N VAL E 246 -3.97 -53.42 22.58
CA VAL E 246 -3.87 -54.83 22.95
C VAL E 246 -3.50 -54.98 24.42
N GLU E 247 -2.89 -53.96 25.02
CA GLU E 247 -2.67 -53.99 26.46
C GLU E 247 -3.96 -53.73 27.22
N ALA E 248 -4.75 -52.75 26.77
CA ALA E 248 -6.01 -52.43 27.45
C ALA E 248 -7.07 -53.49 27.22
N LEU E 249 -6.95 -54.29 26.16
CA LEU E 249 -7.92 -55.34 25.88
C LEU E 249 -7.25 -56.70 25.94
N SER E 253 1.92 -59.89 34.84
CA SER E 253 3.35 -60.10 34.60
C SER E 253 3.79 -59.43 33.31
N HIS E 254 4.17 -58.16 33.41
CA HIS E 254 4.63 -57.37 32.26
C HIS E 254 5.98 -56.75 32.61
N SER E 255 7.05 -57.53 32.40
CA SER E 255 8.41 -57.03 32.58
C SER E 255 9.37 -57.49 31.50
N THR E 256 8.95 -58.37 30.60
CA THR E 256 9.83 -59.04 29.65
C THR E 256 10.00 -58.18 28.40
N ALA E 257 10.50 -58.78 27.31
CA ALA E 257 10.63 -58.09 26.03
C ALA E 257 9.31 -57.55 25.52
N ALA E 258 8.18 -58.11 25.98
CA ALA E 258 6.89 -57.48 25.72
C ALA E 258 6.83 -56.08 26.31
N LEU E 259 7.32 -55.91 27.54
CA LEU E 259 7.40 -54.58 28.13
C LEU E 259 8.49 -53.75 27.45
N SER E 260 9.56 -54.40 26.99
CA SER E 260 10.63 -53.67 26.30
C SER E 260 10.15 -53.09 24.97
N SER E 261 9.23 -53.77 24.29
CA SER E 261 8.70 -53.30 23.02
C SER E 261 7.84 -52.05 23.18
N TYR E 262 7.33 -51.79 24.38
CA TYR E 262 6.56 -50.59 24.65
C TYR E 262 7.38 -49.34 24.34
N TYR E 263 8.63 -49.32 24.79
CA TYR E 263 9.44 -48.13 24.57
C TYR E 263 10.00 -48.04 23.16
N PHE E 264 10.06 -49.17 22.43
CA PHE E 264 10.33 -49.08 21.00
C PHE E 264 9.15 -48.45 20.25
N CYS E 265 7.93 -48.79 20.65
CA CYS E 265 6.75 -48.14 20.08
C CYS E 265 6.75 -46.65 20.40
N ILE E 266 7.10 -46.28 21.64
CA ILE E 266 7.26 -44.88 22.00
C ILE E 266 8.34 -44.22 21.14
N ALA E 267 9.42 -44.95 20.87
CA ALA E 267 10.51 -44.41 20.05
C ALA E 267 10.03 -44.09 18.64
N LEU E 268 9.24 -44.99 18.05
CA LEU E 268 8.66 -44.70 16.73
C LEU E 268 7.71 -43.52 16.78
N GLY E 269 6.88 -43.44 17.84
CA GLY E 269 5.97 -42.32 17.98
C GLY E 269 6.67 -40.99 18.05
N TYR E 270 7.82 -40.96 18.73
CA TYR E 270 8.62 -39.73 18.77
C TYR E 270 9.40 -39.52 17.48
N THR E 271 9.73 -40.60 16.78
CA THR E 271 10.41 -40.51 15.49
C THR E 271 9.52 -39.78 14.48
N ASN E 272 8.20 -39.95 14.59
CA ASN E 272 7.32 -39.19 13.72
C ASN E 272 7.45 -37.69 13.95
N SER E 273 7.51 -37.27 15.21
CA SER E 273 7.70 -35.86 15.50
C SER E 273 9.07 -35.37 15.05
N SER E 274 10.07 -36.25 15.09
CA SER E 274 11.39 -35.89 14.59
C SER E 274 11.40 -35.72 13.08
N LEU E 275 10.62 -36.55 12.37
CA LEU E 275 10.59 -36.52 10.91
C LEU E 275 9.58 -35.54 10.34
N ASN E 276 8.69 -34.99 11.16
CA ASN E 276 7.75 -33.98 10.67
C ASN E 276 8.41 -32.75 10.03
N PRO E 277 9.40 -32.08 10.65
CA PRO E 277 9.99 -30.92 9.97
C PRO E 277 11.01 -31.28 8.91
N ILE E 278 11.47 -32.54 8.86
CA ILE E 278 12.27 -32.98 7.73
C ILE E 278 11.39 -33.10 6.48
N LEU E 279 10.15 -33.55 6.65
CA LEU E 279 9.26 -33.77 5.52
C LEU E 279 8.52 -32.51 5.10
N TYR E 280 7.92 -31.80 6.05
CA TYR E 280 7.04 -30.68 5.71
C TYR E 280 7.75 -29.36 5.56
N ALA E 281 9.02 -29.26 5.94
CA ALA E 281 9.76 -28.00 5.82
C ALA E 281 10.96 -28.11 4.91
N PHE E 282 11.84 -29.10 5.14
CA PHE E 282 13.04 -29.23 4.33
C PHE E 282 12.72 -29.62 2.90
N LEU E 283 11.64 -30.39 2.69
CA LEU E 283 11.21 -30.78 1.35
C LEU E 283 10.16 -29.82 0.80
N ASP E 284 10.49 -28.53 0.81
CA ASP E 284 9.61 -27.49 0.28
C ASP E 284 10.37 -26.60 -0.68
N GLU E 285 9.69 -26.20 -1.77
CA GLU E 285 10.31 -25.31 -2.73
C GLU E 285 10.47 -23.90 -2.17
N ASN E 286 9.49 -23.43 -1.40
CA ASN E 286 9.58 -22.12 -0.78
C ASN E 286 10.68 -22.06 0.28
N PHE E 287 11.05 -23.20 0.85
CA PHE E 287 12.07 -23.27 1.88
C PHE E 287 13.43 -23.31 1.20
N LYS E 288 14.51 -23.45 1.99
CA LYS E 288 15.89 -23.71 1.57
C LYS E 288 16.45 -22.64 0.63
N ARG E 289 15.75 -21.53 0.42
CA ARG E 289 16.21 -20.48 -0.47
C ARG E 289 16.28 -19.14 0.26
#